data_8JS9
#
_entry.id   8JS9
#
_cell.length_a   1.00
_cell.length_b   1.00
_cell.length_c   1.00
_cell.angle_alpha   90.00
_cell.angle_beta   90.00
_cell.angle_gamma   90.00
#
_symmetry.space_group_name_H-M   'P 1'
#
loop_
_entity.id
_entity.type
_entity.pdbx_description
1 polymer 'Synaptic vesicle glycoprotein 2A'
2 polymer 'Botulinum neurotoxin'
3 branched 2-acetamido-2-deoxy-beta-D-glucopyranose-(1-4)-[alpha-L-fucopyranose-(1-6)]2-acetamido-2-deoxy-beta-D-glucopyranose
4 non-polymer 2-acetamido-2-deoxy-beta-D-glucopyranose
#
loop_
_entity_poly.entity_id
_entity_poly.type
_entity_poly.pdbx_seq_one_letter_code
_entity_poly.pdbx_strand_id
1 'polypeptide(L)'
;MDYKDDDDKEEGFRDRAAFIRGAKDIAKEVKKHAAKKVVKGLDRVQDEYSRRSYSRFEEEDDDDDFPAPSDGYYRGEGTQ
DEEEGGASSDATEGHDEDDEIYEGEYQGIPRAESGGKGERMADGAPLAGVRGGLSDGEGPPGGRGEAQRRKEREELAQQY
EAILRECGHGRFQWTLYFVLGLALMADGVEVFVVGFVLPSAEKDMCLSDSNKGMLGLIVYLGMMVGAFLWGGLADRLGRR
QCLLISLSVNSVFAFFSSFVQGYGTFLFCRLLSGVGIGGSIPIVFSYFSEFLAQEKRGEHLSWLCMFWMIGGVYAAAMAW
AIIPHYGWSFQMGSAYQFHSWRVFVLVCAFPSVFAIGALTTQPESPRFFLENGKHDEAWMVLKQVHDTNMRAKGHPERVF
SVTHIKTIHQEDELIEIQSDTGTWYQRWGVRALSLGGQVWGNFLSCFGPEYRRITLMMMGVWFTMSFSYYGLTVWFPDMI
RHLQAVDYASRTKVFPGERVEHVTFNFTLENQIHRGGQYFNDKFIGLRLKSVSFEDSLFEECYFEDVTSSNTFFRNCTFI
NTVFYNTDLFEYKFVNSRLINSTFLHNKEGCPLDVTGTGEGAYMVYFVSFLGTLAVLPGNIVSALLMDKIGRLRMLAGSS
VMSCVSCFFLSFGNSESAMIALLCLFGGVSIASWNALDVLTVELYPSDKRTTAFGFLNALCKLAAVLGISIFTSFVGITK
AAPILFASAALALGSSLALKLPETRGQVLQ
;
A
2 'polypeptide(L)'
;KNIVNTSILSIVYKKDDLIDLSRYGAKINIGDRVYYDSIDKNQIKLINLESSTIEVILKNAIVYNSMYENFSTSFWIKIP
KYFSKINLNNEYTIINCIENNSGWKVSLNYGEIIWTLQDNKQNIQRVVFKYSQMVNISDYINRWIFVTITNNRLTKSKIY
INGRLIDQKPISNLGNIHASNKIMFKLDGCRDPRRYIMIKYFNLFDKELNEKEIKDLYDSQSNSGILKDFWGNYLQYDKP
YYMLNLFDPNKYVDVNNIGIRGYMYLKGPRGSVVTTNIYLNSTLYEGTKFIIKKYASGNEDNIVRNNDRVYINVVVKNKE
YRLATNASQAGVEKILSALEIPDVGNLSQVVVMKSKDDQGIRNKCKMNLQDNNGNDIGFIGFHLYDNIAKLVASNWYNRQ
VGKASRTFGCSWEFIPVDDGWGESSL
;
B
#
loop_
_chem_comp.id
_chem_comp.type
_chem_comp.name
_chem_comp.formula
FUC L-saccharide, alpha linking alpha-L-fucopyranose 'C6 H12 O5'
NAG D-saccharide, beta linking 2-acetamido-2-deoxy-beta-D-glucopyranose 'C8 H15 N O6'
#
# COMPACT_ATOMS: atom_id res chain seq x y z
N GLY A 145 -3.37 39.07 52.41
CA GLY A 145 -2.94 38.91 51.04
C GLY A 145 -3.88 38.05 50.22
N GLU A 146 -3.76 36.73 50.39
CA GLU A 146 -4.65 35.82 49.67
C GLU A 146 -6.09 36.01 50.08
N ALA A 147 -6.34 36.26 51.37
CA ALA A 147 -7.71 36.51 51.82
C ALA A 147 -8.27 37.78 51.18
N GLN A 148 -7.44 38.82 51.04
CA GLN A 148 -7.87 40.04 50.36
C GLN A 148 -8.20 39.77 48.90
N ARG A 149 -7.39 38.93 48.24
CA ARG A 149 -7.66 38.55 46.87
C ARG A 149 -9.00 37.82 46.76
N ARG A 150 -9.26 36.91 47.69
CA ARG A 150 -10.54 36.19 47.69
C ARG A 150 -11.70 37.16 47.92
N LYS A 151 -11.52 38.12 48.82
CA LYS A 151 -12.58 39.10 49.09
C LYS A 151 -12.89 39.93 47.86
N GLU A 152 -11.86 40.42 47.17
CA GLU A 152 -12.11 41.23 45.98
C GLU A 152 -12.72 40.39 44.86
N ARG A 153 -12.30 39.12 44.76
CA ARG A 153 -12.90 38.22 43.78
C ARG A 153 -14.38 38.01 44.07
N GLU A 154 -14.73 37.82 45.34
CA GLU A 154 -16.14 37.64 45.70
C GLU A 154 -16.94 38.91 45.44
N GLU A 155 -16.36 40.08 45.73
CA GLU A 155 -17.05 41.33 45.46
C GLU A 155 -17.32 41.50 43.96
N LEU A 156 -16.31 41.18 43.13
CA LEU A 156 -16.50 41.23 41.69
C LEU A 156 -17.57 40.23 41.24
N ALA A 157 -17.57 39.02 41.82
CA ALA A 157 -18.55 38.02 41.44
C ALA A 157 -19.97 38.47 41.77
N GLN A 158 -20.16 39.11 42.92
CA GLN A 158 -21.48 39.62 43.28
C GLN A 158 -21.90 40.79 42.42
N GLN A 159 -20.98 41.73 42.14
CA GLN A 159 -21.33 42.87 41.31
C GLN A 159 -21.65 42.43 39.88
N TYR A 160 -20.91 41.45 39.36
CA TYR A 160 -21.20 40.95 38.02
C TYR A 160 -22.57 40.30 37.96
N GLU A 161 -22.94 39.55 38.99
CA GLU A 161 -24.28 38.97 39.04
C GLU A 161 -25.35 40.04 39.07
N ALA A 162 -25.12 41.10 39.86
CA ALA A 162 -26.08 42.20 39.90
C ALA A 162 -26.21 42.88 38.54
N ILE A 163 -25.08 43.12 37.87
CA ILE A 163 -25.11 43.74 36.55
C ILE A 163 -25.85 42.85 35.55
N LEU A 164 -25.59 41.55 35.59
CA LEU A 164 -26.25 40.63 34.67
C LEU A 164 -27.75 40.56 34.92
N ARG A 165 -28.16 40.56 36.19
CA ARG A 165 -29.59 40.61 36.49
C ARG A 165 -30.22 41.92 36.02
N GLU A 166 -29.47 43.02 36.08
CA GLU A 166 -29.96 44.28 35.51
C GLU A 166 -30.13 44.16 34.00
N CYS A 167 -29.16 43.53 33.32
CA CYS A 167 -29.22 43.42 31.86
C CYS A 167 -30.40 42.58 31.41
N GLY A 168 -30.65 41.46 32.08
CA GLY A 168 -31.77 40.60 31.75
C GLY A 168 -31.43 39.56 30.70
N HIS A 169 -32.38 38.66 30.50
CA HIS A 169 -32.25 37.56 29.54
C HIS A 169 -33.17 37.80 28.35
N GLY A 170 -32.61 37.70 27.14
CA GLY A 170 -33.38 37.97 25.94
C GLY A 170 -32.65 37.67 24.65
N ARG A 171 -32.75 38.59 23.68
CA ARG A 171 -32.31 38.32 22.32
C ARG A 171 -30.81 38.06 22.24
N PHE A 172 -30.01 38.82 22.99
CA PHE A 172 -28.56 38.65 22.93
C PHE A 172 -28.18 37.24 23.37
N GLN A 173 -28.77 36.77 24.47
CA GLN A 173 -28.44 35.44 24.97
C GLN A 173 -28.81 34.36 23.97
N TRP A 174 -29.96 34.49 23.31
CA TRP A 174 -30.40 33.47 22.36
C TRP A 174 -29.56 33.51 21.08
N THR A 175 -29.15 34.70 20.64
CA THR A 175 -28.27 34.79 19.48
C THR A 175 -26.93 34.12 19.77
N LEU A 176 -26.34 34.42 20.94
CA LEU A 176 -25.10 33.75 21.32
C LEU A 176 -25.33 32.25 21.48
N TYR A 177 -26.52 31.86 21.95
CA TYR A 177 -26.86 30.46 22.11
C TYR A 177 -26.81 29.75 20.77
N PHE A 178 -27.37 30.36 19.73
CA PHE A 178 -27.35 29.72 18.41
C PHE A 178 -25.95 29.71 17.80
N VAL A 179 -25.17 30.77 18.04
CA VAL A 179 -23.80 30.80 17.51
C VAL A 179 -22.97 29.68 18.13
N LEU A 180 -22.98 29.59 19.46
CA LEU A 180 -22.27 28.50 20.13
C LEU A 180 -22.91 27.15 19.82
N GLY A 181 -24.18 27.13 19.45
CA GLY A 181 -24.79 25.88 19.02
C GLY A 181 -24.25 25.39 17.69
N LEU A 182 -23.97 26.31 16.77
CA LEU A 182 -23.25 25.92 15.56
C LEU A 182 -21.87 25.39 15.91
N ALA A 183 -21.19 26.07 16.84
CA ALA A 183 -19.87 25.60 17.26
C ALA A 183 -19.92 24.20 17.84
N LEU A 184 -21.00 23.87 18.55
CA LEU A 184 -21.16 22.54 19.14
C LEU A 184 -21.66 21.51 18.13
N MET A 185 -22.46 21.93 17.14
CA MET A 185 -22.88 21.03 16.08
C MET A 185 -21.70 20.57 15.24
N ALA A 186 -20.72 21.45 15.02
CA ALA A 186 -19.50 21.01 14.36
C ALA A 186 -18.83 19.90 15.14
N ASP A 187 -18.79 20.04 16.47
CA ASP A 187 -18.22 19.00 17.33
C ASP A 187 -19.00 17.71 17.23
N GLY A 188 -20.32 17.80 17.19
CA GLY A 188 -21.14 16.59 17.06
C GLY A 188 -20.94 15.90 15.73
N VAL A 189 -20.75 16.67 14.66
CA VAL A 189 -20.54 16.10 13.33
C VAL A 189 -19.18 15.42 13.25
N GLU A 190 -18.16 16.00 13.90
CA GLU A 190 -16.79 15.53 13.71
C GLU A 190 -16.60 14.06 14.06
N VAL A 191 -17.38 13.52 15.01
CA VAL A 191 -17.11 12.18 15.52
C VAL A 191 -17.73 11.08 14.68
N PHE A 192 -18.36 11.40 13.55
CA PHE A 192 -19.01 10.41 12.71
C PHE A 192 -18.32 10.21 11.36
N VAL A 193 -17.44 11.11 10.95
CA VAL A 193 -16.94 11.12 9.58
C VAL A 193 -16.13 9.87 9.27
N VAL A 194 -15.16 9.55 10.12
CA VAL A 194 -14.29 8.40 9.84
C VAL A 194 -15.08 7.11 9.96
N GLY A 195 -15.97 7.01 10.94
CA GLY A 195 -16.79 5.83 11.07
C GLY A 195 -17.68 5.59 9.85
N PHE A 196 -18.16 6.68 9.24
CA PHE A 196 -19.00 6.54 8.07
C PHE A 196 -18.20 6.30 6.79
N VAL A 197 -16.96 6.77 6.70
CA VAL A 197 -16.19 6.62 5.46
C VAL A 197 -15.21 5.47 5.49
N LEU A 198 -15.07 4.77 6.62
CA LEU A 198 -14.13 3.66 6.67
C LEU A 198 -14.40 2.56 5.65
N PRO A 199 -15.64 2.10 5.42
CA PRO A 199 -15.85 1.06 4.40
C PRO A 199 -15.35 1.43 3.01
N SER A 200 -15.52 2.68 2.59
CA SER A 200 -15.06 3.10 1.28
C SER A 200 -13.58 3.46 1.28
N ALA A 201 -13.09 4.10 2.34
CA ALA A 201 -11.69 4.49 2.41
C ALA A 201 -10.78 3.27 2.49
N GLU A 202 -11.25 2.17 3.07
CA GLU A 202 -10.44 0.96 3.15
C GLU A 202 -10.11 0.43 1.76
N LYS A 203 -11.10 0.40 0.86
CA LYS A 203 -10.84 -0.04 -0.50
C LYS A 203 -10.13 1.02 -1.33
N ASP A 204 -10.42 2.30 -1.06
CA ASP A 204 -9.85 3.39 -1.84
C ASP A 204 -8.42 3.75 -1.44
N MET A 205 -7.93 3.24 -0.32
CA MET A 205 -6.59 3.58 0.15
C MET A 205 -5.80 2.36 0.63
N CYS A 206 -6.33 1.15 0.44
CA CYS A 206 -5.66 -0.09 0.84
C CYS A 206 -5.33 -0.08 2.33
N LEU A 207 -6.38 -0.04 3.14
CA LEU A 207 -6.25 0.02 4.59
C LEU A 207 -6.25 -1.40 5.15
N SER A 208 -5.18 -1.75 5.86
CA SER A 208 -5.07 -3.06 6.48
C SER A 208 -5.55 -2.99 7.92
N ASP A 209 -5.49 -4.11 8.64
CA ASP A 209 -5.73 -4.09 10.07
C ASP A 209 -4.62 -3.31 10.76
N SER A 210 -4.96 -2.73 11.90
CA SER A 210 -4.15 -1.77 12.65
C SER A 210 -3.98 -0.45 11.91
N ASN A 211 -4.54 -0.33 10.70
CA ASN A 211 -4.64 0.95 10.01
C ASN A 211 -6.07 1.49 10.00
N LYS A 212 -7.08 0.63 10.08
CA LYS A 212 -8.45 1.05 10.32
C LYS A 212 -8.76 1.20 11.80
N GLY A 213 -7.87 0.71 12.68
CA GLY A 213 -8.04 0.85 14.10
C GLY A 213 -7.48 2.17 14.60
N MET A 214 -6.34 2.58 14.05
CA MET A 214 -5.77 3.87 14.38
C MET A 214 -6.52 5.03 13.74
N LEU A 215 -7.18 4.80 12.60
CA LEU A 215 -8.05 5.81 12.01
C LEU A 215 -9.35 5.97 12.78
N GLY A 216 -9.83 4.92 13.45
CA GLY A 216 -11.02 5.03 14.27
C GLY A 216 -10.80 5.62 15.64
N LEU A 217 -9.55 5.87 16.01
CA LEU A 217 -9.19 6.48 17.29
C LEU A 217 -8.51 7.82 17.14
N ILE A 218 -8.19 8.25 15.92
CA ILE A 218 -7.35 9.43 15.73
C ILE A 218 -8.10 10.70 16.11
N VAL A 219 -9.42 10.73 15.89
CA VAL A 219 -10.20 11.91 16.26
C VAL A 219 -10.16 12.12 17.77
N TYR A 220 -10.22 11.03 18.55
CA TYR A 220 -10.23 11.16 20.00
C TYR A 220 -8.88 11.61 20.52
N LEU A 221 -7.79 11.13 19.92
CA LEU A 221 -6.46 11.60 20.34
C LEU A 221 -6.25 13.07 20.00
N GLY A 222 -6.63 13.47 18.79
CA GLY A 222 -6.56 14.87 18.44
C GLY A 222 -7.41 15.73 19.35
N MET A 223 -8.61 15.25 19.68
CA MET A 223 -9.49 15.97 20.60
C MET A 223 -8.88 16.08 21.99
N MET A 224 -8.21 15.01 22.45
CA MET A 224 -7.57 15.03 23.76
C MET A 224 -6.47 16.07 23.81
N VAL A 225 -5.69 16.18 22.74
CA VAL A 225 -4.67 17.24 22.70
C VAL A 225 -5.32 18.62 22.65
N GLY A 226 -6.28 18.79 21.74
CA GLY A 226 -6.84 20.11 21.49
C GLY A 226 -7.61 20.67 22.66
N ALA A 227 -8.36 19.81 23.36
CA ALA A 227 -9.13 20.27 24.51
C ALA A 227 -8.23 20.93 25.54
N PHE A 228 -7.16 20.22 25.92
CA PHE A 228 -6.22 20.78 26.88
C PHE A 228 -5.58 22.05 26.35
N LEU A 229 -5.13 22.03 25.09
CA LEU A 229 -4.40 23.18 24.56
C LEU A 229 -5.28 24.43 24.54
N TRP A 230 -6.48 24.33 23.95
CA TRP A 230 -7.34 25.50 23.81
C TRP A 230 -7.96 25.91 25.14
N GLY A 231 -8.26 24.95 26.02
CA GLY A 231 -8.74 25.33 27.34
C GLY A 231 -7.70 26.07 28.14
N GLY A 232 -6.42 25.66 28.03
CA GLY A 232 -5.37 26.41 28.68
C GLY A 232 -5.18 27.79 28.09
N LEU A 233 -5.23 27.90 26.76
CA LEU A 233 -5.00 29.18 26.11
C LEU A 233 -6.19 30.14 26.24
N ALA A 234 -7.39 29.64 26.54
CA ALA A 234 -8.55 30.51 26.57
C ALA A 234 -8.54 31.50 27.73
N ASP A 235 -7.93 31.15 28.86
CA ASP A 235 -7.87 32.07 29.99
C ASP A 235 -6.81 33.15 29.84
N ARG A 236 -5.89 33.00 28.87
CA ARG A 236 -4.89 34.01 28.62
C ARG A 236 -5.13 34.80 27.35
N LEU A 237 -5.88 34.24 26.40
CA LEU A 237 -6.19 34.93 25.15
C LEU A 237 -7.65 35.35 25.04
N GLY A 238 -8.57 34.61 25.66
CA GLY A 238 -9.98 34.91 25.53
C GLY A 238 -10.76 33.71 25.02
N ARG A 239 -12.05 33.64 25.36
CA ARG A 239 -12.87 32.55 24.88
C ARG A 239 -13.10 32.66 23.37
N ARG A 240 -13.49 33.83 22.90
CA ARG A 240 -13.83 34.00 21.50
C ARG A 240 -12.60 33.88 20.59
N GLN A 241 -11.46 34.42 21.02
CA GLN A 241 -10.26 34.36 20.20
C GLN A 241 -9.81 32.92 20.01
N CYS A 242 -9.69 32.16 21.11
CA CYS A 242 -9.26 30.78 21.00
C CYS A 242 -10.29 29.92 20.29
N LEU A 243 -11.59 30.22 20.46
CA LEU A 243 -12.61 29.48 19.73
C LEU A 243 -12.46 29.73 18.22
N LEU A 244 -12.22 30.97 17.82
CA LEU A 244 -12.01 31.28 16.41
C LEU A 244 -10.80 30.52 15.87
N ILE A 245 -9.69 30.55 16.61
CA ILE A 245 -8.48 29.88 16.14
C ILE A 245 -8.71 28.39 15.98
N SER A 246 -9.31 27.75 17.00
CA SER A 246 -9.52 26.32 16.95
C SER A 246 -10.50 25.92 15.85
N LEU A 247 -11.58 26.67 15.68
CA LEU A 247 -12.54 26.36 14.63
C LEU A 247 -11.91 26.53 13.25
N SER A 248 -11.10 27.57 13.06
CA SER A 248 -10.42 27.76 11.78
C SER A 248 -9.46 26.62 11.49
N VAL A 249 -8.70 26.18 12.50
CA VAL A 249 -7.80 25.04 12.32
C VAL A 249 -8.57 23.80 11.92
N ASN A 250 -9.68 23.53 12.61
CA ASN A 250 -10.49 22.36 12.28
C ASN A 250 -11.02 22.43 10.86
N SER A 251 -11.54 23.59 10.46
CA SER A 251 -12.08 23.73 9.11
C SER A 251 -10.99 23.53 8.06
N VAL A 252 -9.82 24.14 8.26
CA VAL A 252 -8.74 24.05 7.29
C VAL A 252 -8.30 22.60 7.12
N PHE A 253 -8.08 21.91 8.25
CA PHE A 253 -7.57 20.54 8.13
C PHE A 253 -8.66 19.57 7.67
N ALA A 254 -9.93 19.89 7.91
CA ALA A 254 -11.00 19.04 7.40
C ALA A 254 -11.20 19.23 5.90
N PHE A 255 -10.99 20.44 5.41
CA PHE A 255 -10.98 20.66 3.96
C PHE A 255 -9.79 19.97 3.32
N PHE A 256 -8.62 20.03 3.95
CA PHE A 256 -7.43 19.46 3.36
C PHE A 256 -7.45 17.93 3.40
N SER A 257 -8.08 17.35 4.42
CA SER A 257 -8.18 15.89 4.47
C SER A 257 -9.11 15.35 3.39
N SER A 258 -10.00 16.19 2.86
CA SER A 258 -10.94 15.74 1.84
C SER A 258 -10.27 15.44 0.50
N PHE A 259 -9.06 15.97 0.26
CA PHE A 259 -8.36 15.75 -0.99
C PHE A 259 -7.12 14.90 -0.84
N VAL A 260 -6.71 14.55 0.38
CA VAL A 260 -5.54 13.73 0.58
C VAL A 260 -5.78 12.32 0.02
N GLN A 261 -4.80 11.80 -0.71
CA GLN A 261 -4.92 10.51 -1.37
C GLN A 261 -4.24 9.38 -0.61
N GLY A 262 -3.21 9.69 0.19
CA GLY A 262 -2.53 8.68 0.97
C GLY A 262 -3.24 8.38 2.29
N TYR A 263 -2.62 7.52 3.08
CA TYR A 263 -3.16 7.18 4.39
C TYR A 263 -2.51 8.00 5.50
N GLY A 264 -1.18 7.98 5.58
CA GLY A 264 -0.51 8.71 6.64
C GLY A 264 -0.80 10.19 6.62
N THR A 265 -0.88 10.77 5.41
CA THR A 265 -1.28 12.17 5.30
C THR A 265 -2.73 12.36 5.73
N PHE A 266 -3.61 11.42 5.37
CA PHE A 266 -4.99 11.48 5.82
C PHE A 266 -5.08 11.35 7.34
N LEU A 267 -4.28 10.44 7.92
CA LEU A 267 -4.24 10.30 9.36
C LEU A 267 -3.79 11.59 10.03
N PHE A 268 -2.75 12.22 9.50
CA PHE A 268 -2.25 13.46 10.09
C PHE A 268 -3.27 14.58 9.97
N CYS A 269 -3.91 14.71 8.80
CA CYS A 269 -4.89 15.77 8.61
C CYS A 269 -6.10 15.57 9.52
N ARG A 270 -6.55 14.32 9.67
CA ARG A 270 -7.69 14.05 10.55
C ARG A 270 -7.32 14.25 12.01
N LEU A 271 -6.09 13.91 12.40
CA LEU A 271 -5.64 14.20 13.76
C LEU A 271 -5.61 15.69 14.03
N LEU A 272 -5.14 16.48 13.07
CA LEU A 272 -5.10 17.92 13.27
C LEU A 272 -6.50 18.54 13.28
N SER A 273 -7.42 18.00 12.49
CA SER A 273 -8.80 18.44 12.57
C SER A 273 -9.41 18.12 13.93
N GLY A 274 -9.10 16.93 14.47
CA GLY A 274 -9.52 16.62 15.82
C GLY A 274 -8.93 17.57 16.84
N VAL A 275 -7.66 17.95 16.65
CA VAL A 275 -7.04 18.94 17.53
C VAL A 275 -7.79 20.26 17.46
N GLY A 276 -8.14 20.69 16.25
CA GLY A 276 -8.86 21.93 16.09
C GLY A 276 -10.22 21.92 16.75
N ILE A 277 -10.94 20.79 16.68
CA ILE A 277 -12.29 20.73 17.23
C ILE A 277 -12.31 20.31 18.70
N GLY A 278 -11.18 19.88 19.26
CA GLY A 278 -11.18 19.43 20.64
C GLY A 278 -11.52 20.50 21.65
N GLY A 279 -11.27 21.77 21.34
CA GLY A 279 -11.53 22.86 22.23
C GLY A 279 -12.90 23.49 22.09
N SER A 280 -13.86 22.81 21.48
CA SER A 280 -15.16 23.42 21.23
C SER A 280 -16.01 23.45 22.50
N ILE A 281 -16.28 22.29 23.09
CA ILE A 281 -17.20 22.18 24.23
C ILE A 281 -16.72 23.00 25.43
N PRO A 282 -15.46 22.88 25.89
CA PRO A 282 -15.05 23.67 27.07
C PRO A 282 -15.23 25.16 26.86
N ILE A 283 -14.71 25.68 25.75
CA ILE A 283 -14.76 27.11 25.49
C ILE A 283 -16.20 27.56 25.28
N VAL A 284 -17.00 26.76 24.59
CA VAL A 284 -18.38 27.16 24.33
C VAL A 284 -19.17 27.27 25.62
N PHE A 285 -19.06 26.25 26.49
CA PHE A 285 -19.82 26.29 27.73
C PHE A 285 -19.33 27.39 28.66
N SER A 286 -18.00 27.52 28.79
CA SER A 286 -17.44 28.55 29.66
C SER A 286 -17.56 29.95 29.08
N TYR A 287 -17.95 30.08 27.81
CA TYR A 287 -18.23 31.35 27.18
C TYR A 287 -19.70 31.73 27.33
N PHE A 288 -20.59 30.74 27.24
CA PHE A 288 -22.01 31.02 27.42
C PHE A 288 -22.35 31.24 28.89
N SER A 289 -21.59 30.64 29.81
CA SER A 289 -21.92 30.77 31.23
C SER A 289 -21.72 32.18 31.74
N GLU A 290 -20.85 32.96 31.13
CA GLU A 290 -20.51 34.30 31.62
C GLU A 290 -21.49 35.36 31.11
N PHE A 291 -22.60 34.95 30.51
CA PHE A 291 -23.66 35.86 30.12
C PHE A 291 -24.99 35.50 30.78
N LEU A 292 -24.99 34.58 31.75
CA LEU A 292 -26.20 34.04 32.34
C LEU A 292 -26.29 34.44 33.80
N ALA A 293 -27.49 34.85 34.22
CA ALA A 293 -27.75 35.11 35.62
C ALA A 293 -28.07 33.80 36.35
N GLN A 294 -28.02 33.87 37.68
CA GLN A 294 -28.19 32.68 38.51
C GLN A 294 -29.61 32.14 38.49
N GLU A 295 -30.61 32.97 38.15
CA GLU A 295 -32.01 32.56 38.28
C GLU A 295 -32.30 31.30 37.49
N LYS A 296 -31.97 31.29 36.20
CA LYS A 296 -32.13 30.12 35.35
C LYS A 296 -30.82 29.90 34.61
N ARG A 297 -29.89 29.21 35.25
CA ARG A 297 -28.59 28.92 34.68
C ARG A 297 -28.44 27.46 34.27
N GLY A 298 -29.04 26.54 35.03
CA GLY A 298 -29.00 25.14 34.62
C GLY A 298 -29.79 24.88 33.35
N GLU A 299 -30.99 25.47 33.25
CA GLU A 299 -31.81 25.26 32.07
C GLU A 299 -31.21 25.89 30.83
N HIS A 300 -30.70 27.12 30.96
CA HIS A 300 -30.13 27.82 29.81
C HIS A 300 -28.84 27.16 29.33
N LEU A 301 -28.05 26.60 30.24
CA LEU A 301 -26.87 25.85 29.83
C LEU A 301 -27.23 24.47 29.29
N SER A 302 -28.29 23.85 29.81
CA SER A 302 -28.68 22.51 29.35
C SER A 302 -29.33 22.55 27.98
N TRP A 303 -29.99 23.65 27.63
CA TRP A 303 -30.52 23.77 26.28
C TRP A 303 -29.41 23.85 25.24
N LEU A 304 -28.18 24.10 25.66
CA LEU A 304 -27.03 24.19 24.76
C LEU A 304 -26.57 22.82 24.28
N CYS A 305 -27.06 21.74 24.86
CA CYS A 305 -26.59 20.39 24.54
C CYS A 305 -27.43 19.70 23.47
N MET A 306 -28.46 20.35 22.94
CA MET A 306 -29.22 19.78 21.84
C MET A 306 -28.43 19.79 20.54
N PHE A 307 -27.37 20.59 20.47
CA PHE A 307 -26.70 20.79 19.19
C PHE A 307 -25.79 19.63 18.83
N TRP A 308 -25.29 18.90 19.82
CA TRP A 308 -24.59 17.66 19.51
C TRP A 308 -25.53 16.66 18.85
N MET A 309 -26.77 16.56 19.37
CA MET A 309 -27.78 15.70 18.75
C MET A 309 -28.10 16.16 17.35
N ILE A 310 -28.24 17.48 17.15
CA ILE A 310 -28.50 18.01 15.82
C ILE A 310 -27.36 17.69 14.86
N GLY A 311 -26.12 17.82 15.31
CA GLY A 311 -24.96 17.48 14.49
C GLY A 311 -24.91 16.01 14.13
N GLY A 312 -25.24 15.13 15.08
CA GLY A 312 -25.29 13.71 14.77
C GLY A 312 -26.36 13.39 13.74
N VAL A 313 -27.53 14.00 13.88
CA VAL A 313 -28.60 13.79 12.88
C VAL A 313 -28.15 14.30 11.52
N TYR A 314 -27.50 15.46 11.49
CA TYR A 314 -27.01 16.02 10.23
C TYR A 314 -26.00 15.09 9.57
N ALA A 315 -25.05 14.57 10.36
CA ALA A 315 -24.05 13.67 9.80
C ALA A 315 -24.69 12.40 9.26
N ALA A 316 -25.63 11.82 9.99
CA ALA A 316 -26.29 10.61 9.52
C ALA A 316 -27.06 10.87 8.23
N ALA A 317 -27.78 11.99 8.17
CA ALA A 317 -28.55 12.31 6.98
C ALA A 317 -27.65 12.52 5.76
N MET A 318 -26.56 13.26 5.93
CA MET A 318 -25.67 13.51 4.80
C MET A 318 -24.96 12.22 4.37
N ALA A 319 -24.59 11.36 5.32
CA ALA A 319 -24.00 10.08 4.95
C ALA A 319 -24.98 9.23 4.16
N TRP A 320 -26.25 9.21 4.57
CA TRP A 320 -27.25 8.48 3.82
C TRP A 320 -27.46 9.06 2.43
N ALA A 321 -27.38 10.39 2.31
CA ALA A 321 -27.71 11.04 1.05
C ALA A 321 -26.56 11.09 0.05
N ILE A 322 -25.31 10.95 0.50
CA ILE A 322 -24.14 11.17 -0.36
C ILE A 322 -23.39 9.86 -0.62
N ILE A 323 -23.00 9.15 0.43
CA ILE A 323 -22.13 7.99 0.27
C ILE A 323 -22.72 6.91 -0.64
N PRO A 324 -24.00 6.54 -0.55
CA PRO A 324 -24.50 5.43 -1.37
C PRO A 324 -24.35 5.62 -2.88
N HIS A 325 -24.00 6.82 -3.34
CA HIS A 325 -23.76 7.04 -4.77
C HIS A 325 -22.31 6.66 -5.09
N TYR A 326 -22.07 5.36 -5.21
CA TYR A 326 -20.73 4.87 -5.51
C TYR A 326 -20.33 5.10 -6.96
N GLY A 327 -21.28 5.48 -7.82
CA GLY A 327 -20.95 5.69 -9.22
C GLY A 327 -20.09 6.91 -9.47
N TRP A 328 -20.11 7.86 -8.54
CA TRP A 328 -19.35 9.10 -8.69
C TRP A 328 -17.86 8.84 -8.66
N SER A 329 -17.18 9.11 -9.78
CA SER A 329 -15.75 8.86 -9.93
C SER A 329 -15.07 10.06 -10.58
N PHE A 330 -15.32 11.25 -10.05
CA PHE A 330 -14.76 12.47 -10.62
C PHE A 330 -13.24 12.38 -10.70
N GLN A 331 -12.69 12.80 -11.83
CA GLN A 331 -11.27 12.61 -12.14
C GLN A 331 -10.59 13.97 -12.25
N MET A 332 -9.63 14.22 -11.37
CA MET A 332 -8.76 15.39 -11.44
C MET A 332 -7.34 14.89 -11.20
N GLY A 333 -6.66 14.51 -12.28
CA GLY A 333 -5.36 13.89 -12.17
C GLY A 333 -5.43 12.40 -12.44
N SER A 334 -4.47 11.88 -13.22
CA SER A 334 -4.50 10.48 -13.60
C SER A 334 -4.35 9.57 -12.38
N ALA A 335 -3.44 9.91 -11.48
CA ALA A 335 -3.14 9.05 -10.33
C ALA A 335 -4.09 9.26 -9.16
N TYR A 336 -5.00 10.22 -9.24
CA TYR A 336 -5.89 10.54 -8.13
C TYR A 336 -7.34 10.26 -8.52
N GLN A 337 -8.13 9.83 -7.53
CA GLN A 337 -9.54 9.53 -7.73
C GLN A 337 -10.35 10.21 -6.64
N PHE A 338 -11.53 10.72 -7.03
CA PHE A 338 -12.38 11.50 -6.14
C PHE A 338 -13.75 10.83 -6.07
N HIS A 339 -14.03 10.15 -4.96
CA HIS A 339 -15.26 9.40 -4.79
C HIS A 339 -16.26 10.19 -3.95
N SER A 340 -17.37 9.55 -3.59
CA SER A 340 -18.45 10.25 -2.90
C SER A 340 -18.14 10.50 -1.43
N TRP A 341 -17.33 9.65 -0.79
CA TRP A 341 -17.05 9.86 0.63
C TRP A 341 -16.23 11.12 0.85
N ARG A 342 -15.47 11.56 -0.15
CA ARG A 342 -14.77 12.83 -0.02
C ARG A 342 -15.74 14.01 -0.07
N VAL A 343 -16.78 13.91 -0.90
CA VAL A 343 -17.84 14.92 -0.88
C VAL A 343 -18.54 14.93 0.47
N PHE A 344 -18.74 13.74 1.05
CA PHE A 344 -19.29 13.65 2.40
C PHE A 344 -18.40 14.36 3.41
N VAL A 345 -17.08 14.17 3.29
CA VAL A 345 -16.15 14.82 4.20
C VAL A 345 -16.24 16.34 4.07
N LEU A 346 -16.35 16.84 2.84
CA LEU A 346 -16.51 18.28 2.63
C LEU A 346 -17.79 18.79 3.32
N VAL A 347 -18.90 18.09 3.09
CA VAL A 347 -20.17 18.54 3.66
C VAL A 347 -20.12 18.48 5.18
N CYS A 348 -19.36 17.53 5.74
CA CYS A 348 -19.17 17.47 7.19
C CYS A 348 -18.21 18.52 7.71
N ALA A 349 -17.34 19.06 6.85
CA ALA A 349 -16.50 20.18 7.25
C ALA A 349 -17.24 21.52 7.19
N PHE A 350 -18.34 21.58 6.46
CA PHE A 350 -19.10 22.83 6.34
C PHE A 350 -19.53 23.45 7.67
N PRO A 351 -20.10 22.71 8.63
CA PRO A 351 -20.64 23.38 9.84
C PRO A 351 -19.60 24.13 10.65
N SER A 352 -18.35 23.68 10.65
CA SER A 352 -17.31 24.44 11.33
C SER A 352 -17.11 25.81 10.68
N VAL A 353 -17.15 25.87 9.35
CA VAL A 353 -17.03 27.15 8.66
C VAL A 353 -18.22 28.04 8.99
N PHE A 354 -19.42 27.47 9.00
CA PHE A 354 -20.58 28.26 9.41
C PHE A 354 -20.43 28.78 10.84
N ALA A 355 -19.85 27.95 11.71
CA ALA A 355 -19.63 28.37 13.10
C ALA A 355 -18.66 29.55 13.17
N ILE A 356 -17.59 29.51 12.39
CA ILE A 356 -16.65 30.64 12.36
C ILE A 356 -17.34 31.90 11.88
N GLY A 357 -18.12 31.77 10.80
CA GLY A 357 -18.82 32.91 10.27
C GLY A 357 -19.80 33.52 11.27
N ALA A 358 -20.46 32.67 12.05
CA ALA A 358 -21.40 33.18 13.05
C ALA A 358 -20.67 33.76 14.26
N LEU A 359 -19.52 33.18 14.63
CA LEU A 359 -18.82 33.62 15.83
C LEU A 359 -18.06 34.92 15.59
N THR A 360 -17.75 35.24 14.33
CA THR A 360 -17.02 36.48 14.08
C THR A 360 -17.81 37.73 14.48
N THR A 361 -19.12 37.61 14.70
CA THR A 361 -19.97 38.76 14.98
C THR A 361 -20.42 38.85 16.44
N GLN A 362 -19.69 38.19 17.34
CA GLN A 362 -20.07 38.18 18.75
C GLN A 362 -18.99 38.87 19.59
N PRO A 363 -19.35 39.44 20.74
CA PRO A 363 -18.37 40.10 21.59
C PRO A 363 -17.76 39.16 22.62
N GLU A 364 -16.54 39.50 23.03
CA GLU A 364 -15.86 38.73 24.06
C GLU A 364 -16.60 38.87 25.40
N SER A 365 -16.49 37.84 26.23
CA SER A 365 -17.19 37.84 27.50
C SER A 365 -16.65 38.94 28.40
N PRO A 366 -17.53 39.72 29.04
CA PRO A 366 -17.05 40.80 29.91
C PRO A 366 -16.23 40.32 31.09
N ARG A 367 -16.54 39.12 31.60
CA ARG A 367 -15.82 38.62 32.77
C ARG A 367 -14.35 38.39 32.46
N PHE A 368 -14.04 37.93 31.25
CA PHE A 368 -12.64 37.76 30.86
C PHE A 368 -11.92 39.10 30.85
N PHE A 369 -12.57 40.15 30.34
CA PHE A 369 -11.97 41.47 30.38
C PHE A 369 -11.76 41.95 31.81
N LEU A 370 -12.75 41.68 32.69
CA LEU A 370 -12.66 42.15 34.06
C LEU A 370 -11.53 41.45 34.82
N GLU A 371 -11.33 40.16 34.57
CA GLU A 371 -10.26 39.43 35.26
C GLU A 371 -8.88 39.96 34.89
N ASN A 372 -8.70 40.35 33.64
CA ASN A 372 -7.40 40.75 33.13
C ASN A 372 -7.12 42.24 33.26
N GLY A 373 -8.00 42.98 33.95
CA GLY A 373 -7.79 44.39 34.18
C GLY A 373 -8.32 45.32 33.11
N LYS A 374 -8.93 44.80 32.06
CA LYS A 374 -9.50 45.63 31.01
C LYS A 374 -10.94 45.96 31.39
N HIS A 375 -11.16 47.20 31.84
CA HIS A 375 -12.45 47.61 32.36
C HIS A 375 -13.34 48.25 31.30
N ASP A 376 -12.76 49.06 30.42
CA ASP A 376 -13.57 49.76 29.41
C ASP A 376 -14.20 48.77 28.44
N GLU A 377 -13.45 47.75 28.01
CA GLU A 377 -14.01 46.77 27.10
C GLU A 377 -15.15 46.00 27.74
N ALA A 378 -14.98 45.59 29.00
CA ALA A 378 -16.04 44.88 29.70
C ALA A 378 -17.28 45.74 29.87
N TRP A 379 -17.08 47.01 30.22
CA TRP A 379 -18.22 47.92 30.33
C TRP A 379 -18.94 48.07 29.00
N MET A 380 -18.19 48.18 27.91
CA MET A 380 -18.79 48.30 26.58
C MET A 380 -19.60 47.05 26.23
N VAL A 381 -19.05 45.87 26.53
CA VAL A 381 -19.76 44.64 26.20
C VAL A 381 -21.04 44.51 27.03
N LEU A 382 -20.98 44.84 28.32
CA LEU A 382 -22.17 44.78 29.15
C LEU A 382 -23.21 45.79 28.68
N LYS A 383 -22.77 46.99 28.28
CA LYS A 383 -23.70 47.97 27.74
C LYS A 383 -24.35 47.45 26.46
N GLN A 384 -23.59 46.78 25.60
CA GLN A 384 -24.15 46.20 24.39
C GLN A 384 -25.19 45.15 24.72
N VAL A 385 -24.90 44.29 25.70
CA VAL A 385 -25.86 43.27 26.11
C VAL A 385 -27.16 43.92 26.58
N HIS A 386 -27.04 44.93 27.44
CA HIS A 386 -28.22 45.60 27.97
C HIS A 386 -29.01 46.29 26.87
N ASP A 387 -28.32 46.97 25.95
CA ASP A 387 -28.99 47.69 24.88
C ASP A 387 -29.74 46.73 23.97
N THR A 388 -29.09 45.64 23.55
CA THR A 388 -29.75 44.67 22.70
C THR A 388 -30.95 44.05 23.39
N ASN A 389 -30.79 43.72 24.67
CA ASN A 389 -31.89 43.10 25.42
C ASN A 389 -33.08 44.04 25.52
N MET A 390 -32.83 45.32 25.82
CA MET A 390 -33.93 46.25 25.99
C MET A 390 -34.59 46.60 24.67
N ARG A 391 -33.80 46.72 23.60
CA ARG A 391 -34.39 46.95 22.27
C ARG A 391 -35.27 45.78 21.87
N ALA A 392 -34.83 44.56 22.17
CA ALA A 392 -35.68 43.40 21.89
C ALA A 392 -36.94 43.41 22.75
N LYS A 393 -36.83 43.84 24.01
CA LYS A 393 -38.01 43.88 24.89
C LYS A 393 -39.07 44.84 24.36
N GLY A 394 -38.64 46.00 23.88
CA GLY A 394 -39.58 46.99 23.37
C GLY A 394 -39.49 48.31 24.12
N HIS A 395 -38.41 48.50 24.87
CA HIS A 395 -38.16 49.73 25.62
C HIS A 395 -36.75 50.22 25.33
N PRO A 396 -36.51 50.73 24.11
CA PRO A 396 -35.16 51.20 23.73
C PRO A 396 -34.89 52.63 24.16
N GLU A 397 -35.21 52.94 25.42
CA GLU A 397 -35.01 54.29 25.95
C GLU A 397 -34.31 54.31 27.31
N ARG A 398 -34.30 53.21 28.07
CA ARG A 398 -33.63 53.20 29.36
C ARG A 398 -32.11 53.17 29.15
N VAL A 399 -31.39 53.56 30.20
CA VAL A 399 -29.95 53.77 30.14
C VAL A 399 -29.26 52.77 31.06
N PHE A 400 -28.14 52.23 30.61
CA PHE A 400 -27.32 51.35 31.43
C PHE A 400 -26.81 52.11 32.65
N SER A 401 -27.29 51.75 33.83
CA SER A 401 -27.04 52.51 35.05
C SER A 401 -25.69 52.23 35.67
N VAL A 402 -24.96 51.22 35.20
CA VAL A 402 -23.65 50.89 35.77
C VAL A 402 -22.61 51.84 35.20
N THR A 403 -21.89 52.53 36.07
CA THR A 403 -20.84 53.46 35.67
C THR A 403 -19.43 52.92 35.87
N HIS A 404 -19.13 52.35 37.03
CA HIS A 404 -17.83 51.77 37.32
C HIS A 404 -18.00 50.33 37.78
N ILE A 405 -17.12 49.46 37.30
CA ILE A 405 -17.16 48.04 37.60
C ILE A 405 -15.85 47.66 38.28
N LYS A 406 -15.94 46.92 39.38
CA LYS A 406 -14.75 46.43 40.04
C LYS A 406 -13.96 45.54 39.11
N THR A 407 -12.63 45.68 39.13
CA THR A 407 -11.76 44.90 38.28
C THR A 407 -10.63 44.31 39.12
N ILE A 408 -10.14 43.16 38.69
CA ILE A 408 -9.06 42.49 39.41
C ILE A 408 -7.75 43.20 39.09
N HIS A 409 -7.08 43.70 40.14
CA HIS A 409 -5.85 44.45 39.94
C HIS A 409 -4.77 43.55 39.37
N GLN A 410 -4.09 44.03 38.32
CA GLN A 410 -3.05 43.28 37.66
C GLN A 410 -1.69 43.80 38.09
N GLU A 411 -0.84 42.91 38.57
CA GLU A 411 0.48 43.29 39.05
C GLU A 411 1.51 43.23 37.93
N GLN A 426 12.32 36.45 18.39
CA GLN A 426 12.92 36.92 19.63
C GLN A 426 11.85 37.25 20.67
N ARG A 427 11.18 38.39 20.48
CA ARG A 427 10.09 38.76 21.38
C ARG A 427 8.92 37.79 21.24
N TRP A 428 8.73 37.20 20.06
CA TRP A 428 7.70 36.19 19.89
C TRP A 428 7.95 35.00 20.79
N GLY A 429 9.20 34.56 20.89
CA GLY A 429 9.54 33.50 21.82
C GLY A 429 9.30 33.91 23.26
N VAL A 430 9.53 35.18 23.58
CA VAL A 430 9.27 35.68 24.93
C VAL A 430 7.78 35.58 25.25
N ARG A 431 6.94 36.01 24.32
CA ARG A 431 5.49 35.89 24.53
C ARG A 431 5.07 34.44 24.65
N ALA A 432 5.65 33.56 23.82
CA ALA A 432 5.30 32.14 23.91
C ALA A 432 5.68 31.55 25.25
N LEU A 433 6.87 31.88 25.76
CA LEU A 433 7.29 31.39 27.06
C LEU A 433 6.40 31.93 28.17
N SER A 434 6.03 33.21 28.08
CA SER A 434 5.14 33.80 29.09
C SER A 434 3.78 33.12 29.08
N LEU A 435 3.24 32.86 27.88
CA LEU A 435 1.95 32.18 27.78
C LEU A 435 2.02 30.77 28.35
N GLY A 436 3.10 30.05 28.03
CA GLY A 436 3.26 28.72 28.58
C GLY A 436 3.35 28.72 30.09
N GLY A 437 4.11 29.67 30.65
CA GLY A 437 4.20 29.77 32.09
C GLY A 437 2.88 30.10 32.75
N GLN A 438 2.13 31.04 32.17
CA GLN A 438 0.83 31.40 32.73
C GLN A 438 -0.15 30.23 32.65
N VAL A 439 -0.16 29.51 31.53
CA VAL A 439 -1.06 28.37 31.39
C VAL A 439 -0.70 27.28 32.39
N TRP A 440 0.60 27.01 32.56
CA TRP A 440 1.01 26.01 33.54
C TRP A 440 0.64 26.45 34.95
N GLY A 441 0.78 27.74 35.25
CA GLY A 441 0.37 28.24 36.56
C GLY A 441 -1.11 28.05 36.81
N ASN A 442 -1.94 28.35 35.80
CA ASN A 442 -3.37 28.12 35.94
C ASN A 442 -3.69 26.64 36.14
N PHE A 443 -3.04 25.77 35.36
CA PHE A 443 -3.31 24.34 35.50
C PHE A 443 -2.90 23.83 36.87
N LEU A 444 -1.75 24.28 37.39
CA LEU A 444 -1.33 23.87 38.72
C LEU A 444 -2.24 24.43 39.80
N SER A 445 -2.69 25.68 39.66
CA SER A 445 -3.60 26.26 40.64
C SER A 445 -4.95 25.56 40.61
N CYS A 446 -5.32 24.96 39.48
CA CYS A 446 -6.49 24.08 39.46
C CYS A 446 -6.32 22.93 40.42
N PHE A 447 -5.10 22.44 40.60
CA PHE A 447 -4.76 21.47 41.64
C PHE A 447 -4.25 22.14 42.91
N GLY A 448 -5.00 23.10 43.43
CA GLY A 448 -4.58 23.84 44.60
C GLY A 448 -5.22 23.33 45.87
N PRO A 449 -4.83 23.91 47.01
CA PRO A 449 -5.47 23.53 48.27
C PRO A 449 -6.96 23.82 48.28
N GLU A 450 -7.40 24.89 47.62
CA GLU A 450 -8.82 25.21 47.56
C GLU A 450 -9.59 24.26 46.65
N TYR A 451 -8.99 23.87 45.51
CA TYR A 451 -9.62 22.94 44.57
C TYR A 451 -8.69 21.75 44.40
N ARG A 452 -8.81 20.77 45.29
CA ARG A 452 -8.09 19.50 45.11
C ARG A 452 -9.06 18.35 45.25
N ARG A 453 -10.00 18.46 46.20
CA ARG A 453 -11.05 17.47 46.32
C ARG A 453 -12.02 17.55 45.15
N ILE A 454 -12.47 18.77 44.84
CA ILE A 454 -13.39 18.97 43.71
C ILE A 454 -12.74 18.51 42.42
N THR A 455 -11.47 18.85 42.22
CA THR A 455 -10.77 18.46 41.00
C THR A 455 -10.67 16.94 40.88
N LEU A 456 -10.35 16.25 41.97
CA LEU A 456 -10.17 14.80 41.90
C LEU A 456 -11.50 14.10 41.68
N MET A 457 -12.57 14.55 42.35
CA MET A 457 -13.87 13.93 42.10
C MET A 457 -14.37 14.22 40.69
N MET A 458 -14.13 15.42 40.17
CA MET A 458 -14.43 15.70 38.77
C MET A 458 -13.65 14.80 37.83
N MET A 459 -12.36 14.58 38.11
CA MET A 459 -11.55 13.70 37.29
C MET A 459 -12.13 12.29 37.28
N GLY A 460 -12.48 11.78 38.46
CA GLY A 460 -13.05 10.44 38.54
C GLY A 460 -14.35 10.34 37.77
N VAL A 461 -15.24 11.30 37.95
CA VAL A 461 -16.56 11.23 37.29
C VAL A 461 -16.39 11.29 35.78
N TRP A 462 -15.57 12.22 35.30
CA TRP A 462 -15.37 12.36 33.86
C TRP A 462 -14.77 11.10 33.26
N PHE A 463 -13.71 10.57 33.90
CA PHE A 463 -13.07 9.37 33.38
C PHE A 463 -14.03 8.20 33.34
N THR A 464 -14.74 7.93 34.44
CA THR A 464 -15.61 6.76 34.48
C THR A 464 -16.75 6.87 33.48
N MET A 465 -17.42 8.03 33.44
CA MET A 465 -18.55 8.17 32.53
C MET A 465 -18.11 8.10 31.08
N SER A 466 -16.98 8.72 30.74
CA SER A 466 -16.49 8.64 29.37
C SER A 466 -16.14 7.21 28.99
N PHE A 467 -15.44 6.51 29.88
CA PHE A 467 -15.07 5.12 29.63
C PHE A 467 -16.32 4.29 29.32
N SER A 468 -17.31 4.33 30.21
CA SER A 468 -18.50 3.51 30.03
C SER A 468 -19.25 3.89 28.76
N TYR A 469 -19.53 5.19 28.59
CA TYR A 469 -20.35 5.62 27.46
C TYR A 469 -19.69 5.26 26.13
N TYR A 470 -18.42 5.61 25.97
CA TYR A 470 -17.78 5.38 24.69
C TYR A 470 -17.57 3.88 24.44
N GLY A 471 -17.25 3.12 25.48
CA GLY A 471 -17.12 1.68 25.30
C GLY A 471 -18.40 1.04 24.81
N LEU A 472 -19.53 1.36 25.46
CA LEU A 472 -20.79 0.76 25.04
C LEU A 472 -21.24 1.27 23.67
N THR A 473 -21.00 2.56 23.40
CA THR A 473 -21.42 3.14 22.13
C THR A 473 -20.68 2.52 20.96
N VAL A 474 -19.39 2.18 21.15
CA VAL A 474 -18.69 1.47 20.09
C VAL A 474 -18.97 -0.03 20.13
N TRP A 475 -19.44 -0.55 21.27
CA TRP A 475 -19.70 -1.98 21.39
C TRP A 475 -20.99 -2.38 20.68
N PHE A 476 -21.99 -1.51 20.68
CA PHE A 476 -23.27 -1.90 20.07
C PHE A 476 -23.17 -2.18 18.57
N PRO A 477 -22.65 -1.28 17.73
CA PRO A 477 -22.56 -1.60 16.30
C PRO A 477 -21.65 -2.79 16.00
N ASP A 478 -20.56 -2.95 16.75
CA ASP A 478 -19.67 -4.08 16.53
C ASP A 478 -20.39 -5.39 16.80
N MET A 479 -21.19 -5.44 17.86
CA MET A 479 -21.92 -6.66 18.16
C MET A 479 -23.04 -6.90 17.16
N ILE A 480 -23.67 -5.84 16.65
CA ILE A 480 -24.64 -6.01 15.57
C ILE A 480 -23.98 -6.64 14.35
N ARG A 481 -22.79 -6.13 13.99
CA ARG A 481 -22.05 -6.70 12.88
C ARG A 481 -21.67 -8.15 13.14
N HIS A 482 -21.27 -8.46 14.36
CA HIS A 482 -20.91 -9.84 14.70
C HIS A 482 -22.12 -10.77 14.58
N LEU A 483 -23.29 -10.33 15.03
CA LEU A 483 -24.50 -11.13 14.89
C LEU A 483 -24.83 -11.35 13.42
N GLN A 484 -24.69 -10.30 12.59
CA GLN A 484 -24.94 -10.45 11.16
C GLN A 484 -23.95 -11.42 10.53
N ALA A 485 -22.69 -11.38 10.97
CA ALA A 485 -21.69 -12.30 10.43
C ALA A 485 -21.99 -13.74 10.82
N VAL A 486 -22.43 -13.96 12.06
CA VAL A 486 -22.80 -15.31 12.47
C VAL A 486 -23.99 -15.81 11.66
N ASP A 487 -24.99 -14.95 11.47
CA ASP A 487 -26.15 -15.33 10.66
C ASP A 487 -25.72 -15.67 9.24
N TYR A 488 -24.82 -14.87 8.66
CA TYR A 488 -24.32 -15.11 7.31
C TYR A 488 -23.59 -16.45 7.23
N ALA A 489 -22.72 -16.73 8.20
CA ALA A 489 -21.97 -17.98 8.18
C ALA A 489 -22.88 -19.18 8.43
N SER A 490 -24.03 -18.96 9.07
CA SER A 490 -24.95 -20.07 9.31
C SER A 490 -25.67 -20.50 8.03
N ARG A 491 -25.69 -19.65 7.01
CA ARG A 491 -26.39 -19.94 5.77
C ARG A 491 -25.48 -20.46 4.66
N THR A 492 -24.20 -20.70 4.95
CA THR A 492 -23.27 -21.09 3.91
C THR A 492 -23.63 -22.46 3.35
N LYS A 493 -23.43 -22.62 2.05
CA LYS A 493 -23.70 -23.87 1.35
C LYS A 493 -22.40 -24.66 1.21
N VAL A 494 -22.50 -25.98 1.26
CA VAL A 494 -21.35 -26.86 1.14
C VAL A 494 -21.64 -27.88 0.05
N PHE A 495 -20.74 -27.96 -0.93
CA PHE A 495 -20.82 -28.96 -1.99
C PHE A 495 -19.62 -29.89 -1.89
N PRO A 496 -19.78 -31.07 -1.28
CA PRO A 496 -18.65 -32.01 -1.19
C PRO A 496 -18.57 -32.94 -2.39
N GLY A 497 -17.49 -32.84 -3.16
CA GLY A 497 -17.27 -33.78 -4.25
C GLY A 497 -17.94 -33.35 -5.53
N GLU A 498 -17.13 -33.07 -6.56
CA GLU A 498 -17.64 -32.68 -7.86
C GLU A 498 -16.66 -33.18 -8.92
N ARG A 499 -17.19 -33.42 -10.11
CA ARG A 499 -16.36 -33.82 -11.25
C ARG A 499 -16.88 -33.07 -12.46
N VAL A 500 -16.16 -32.03 -12.87
CA VAL A 500 -16.56 -31.18 -13.98
C VAL A 500 -15.52 -31.28 -15.07
N GLU A 501 -15.98 -31.42 -16.32
CA GLU A 501 -15.08 -31.64 -17.44
C GLU A 501 -15.69 -31.08 -18.71
N HIS A 502 -14.86 -30.39 -19.50
CA HIS A 502 -15.20 -29.99 -20.87
C HIS A 502 -16.47 -29.14 -20.93
N VAL A 503 -16.41 -27.97 -20.31
CA VAL A 503 -17.55 -27.06 -20.33
C VAL A 503 -17.06 -25.66 -20.02
N THR A 504 -17.62 -24.69 -20.72
CA THR A 504 -17.45 -23.28 -20.39
C THR A 504 -18.55 -22.91 -19.40
N PHE A 505 -18.17 -22.79 -18.12
CA PHE A 505 -19.13 -22.79 -17.02
C PHE A 505 -18.88 -21.56 -16.16
N ASN A 506 -19.73 -20.54 -16.31
CA ASN A 506 -19.64 -19.33 -15.52
C ASN A 506 -20.82 -19.26 -14.56
N PHE A 507 -20.73 -18.36 -13.59
CA PHE A 507 -21.64 -18.36 -12.45
C PHE A 507 -21.36 -17.15 -11.57
N THR A 508 -22.31 -16.87 -10.68
CA THR A 508 -22.15 -15.88 -9.61
C THR A 508 -22.70 -16.50 -8.31
N LEU A 509 -21.84 -17.22 -7.59
CA LEU A 509 -22.23 -17.83 -6.32
C LEU A 509 -21.71 -16.99 -5.17
N GLU A 510 -22.51 -16.89 -4.12
CA GLU A 510 -22.16 -16.15 -2.92
C GLU A 510 -22.26 -17.07 -1.72
N ASN A 511 -21.27 -16.99 -0.82
CA ASN A 511 -21.28 -17.71 0.45
C ASN A 511 -21.39 -19.22 0.21
N GLN A 512 -20.33 -19.78 -0.38
CA GLN A 512 -20.32 -21.19 -0.73
C GLN A 512 -18.96 -21.79 -0.43
N ILE A 513 -18.95 -23.12 -0.25
CA ILE A 513 -17.73 -23.88 -0.02
C ILE A 513 -17.78 -25.14 -0.87
N HIS A 514 -16.89 -25.23 -1.86
CA HIS A 514 -16.76 -26.42 -2.68
C HIS A 514 -15.59 -27.23 -2.15
N ARG A 515 -15.78 -28.54 -1.99
CA ARG A 515 -14.75 -29.40 -1.41
C ARG A 515 -14.62 -30.67 -2.23
N GLY A 516 -13.38 -31.12 -2.41
CA GLY A 516 -13.12 -32.35 -3.12
C GLY A 516 -13.41 -32.32 -4.59
N GLY A 517 -13.43 -31.14 -5.20
CA GLY A 517 -13.75 -31.04 -6.61
C GLY A 517 -12.62 -31.51 -7.50
N GLN A 518 -12.97 -31.86 -8.72
CA GLN A 518 -12.01 -32.25 -9.75
C GLN A 518 -12.48 -31.64 -11.06
N TYR A 519 -11.73 -30.65 -11.56
CA TYR A 519 -12.09 -29.90 -12.75
C TYR A 519 -11.03 -30.17 -13.81
N PHE A 520 -11.47 -30.61 -14.99
CA PHE A 520 -10.56 -30.91 -16.08
C PHE A 520 -10.98 -30.15 -17.34
N ASN A 521 -10.07 -29.32 -17.84
CA ASN A 521 -10.29 -28.52 -19.04
C ASN A 521 -11.63 -27.77 -18.91
N ASP A 522 -11.65 -26.84 -17.97
CA ASP A 522 -12.83 -26.04 -17.72
C ASP A 522 -12.49 -24.57 -17.93
N LYS A 523 -13.40 -23.84 -18.54
CA LYS A 523 -13.22 -22.43 -18.85
C LYS A 523 -14.10 -21.61 -17.92
N PHE A 524 -13.48 -20.74 -17.13
CA PHE A 524 -14.17 -19.90 -16.17
C PHE A 524 -14.09 -18.46 -16.67
N ILE A 525 -15.04 -18.08 -17.52
CA ILE A 525 -15.06 -16.76 -18.13
C ILE A 525 -16.06 -15.88 -17.40
N GLY A 526 -15.58 -14.75 -16.87
CA GLY A 526 -16.45 -13.73 -16.34
C GLY A 526 -17.37 -14.18 -15.22
N LEU A 527 -16.79 -14.50 -14.06
CA LEU A 527 -17.57 -14.92 -12.91
C LEU A 527 -17.23 -14.04 -11.72
N ARG A 528 -18.24 -13.76 -10.90
CA ARG A 528 -18.09 -12.98 -9.69
C ARG A 528 -18.16 -13.91 -8.47
N LEU A 529 -17.13 -13.85 -7.64
CA LEU A 529 -17.03 -14.70 -6.46
C LEU A 529 -17.11 -13.82 -5.23
N LYS A 530 -18.05 -14.13 -4.34
CA LYS A 530 -18.21 -13.41 -3.08
C LYS A 530 -18.31 -14.44 -1.96
N SER A 531 -17.31 -14.49 -1.09
CA SER A 531 -17.25 -15.44 0.01
C SER A 531 -17.40 -16.88 -0.47
N VAL A 532 -16.71 -17.20 -1.56
CA VAL A 532 -16.69 -18.55 -2.12
C VAL A 532 -15.32 -19.15 -1.87
N SER A 533 -15.29 -20.36 -1.32
CA SER A 533 -14.04 -21.01 -0.96
C SER A 533 -13.95 -22.38 -1.62
N PHE A 534 -12.82 -22.63 -2.30
CA PHE A 534 -12.52 -23.93 -2.88
C PHE A 534 -11.48 -24.62 -2.00
N GLU A 535 -11.76 -25.86 -1.61
CA GLU A 535 -10.87 -26.60 -0.72
C GLU A 535 -10.66 -28.01 -1.28
N ASP A 536 -9.42 -28.48 -1.21
CA ASP A 536 -9.04 -29.83 -1.64
C ASP A 536 -9.43 -30.07 -3.10
N SER A 537 -9.36 -29.04 -3.93
CA SER A 537 -9.73 -29.13 -5.33
C SER A 537 -8.50 -29.35 -6.20
N LEU A 538 -8.75 -29.75 -7.44
CA LEU A 538 -7.69 -29.94 -8.43
C LEU A 538 -8.15 -29.37 -9.75
N PHE A 539 -7.41 -28.39 -10.27
CA PHE A 539 -7.69 -27.78 -11.54
C PHE A 539 -6.59 -28.14 -12.53
N GLU A 540 -6.97 -28.77 -13.64
CA GLU A 540 -6.01 -29.24 -14.63
C GLU A 540 -6.40 -28.70 -16.00
N GLU A 541 -5.48 -28.01 -16.65
CA GLU A 541 -5.71 -27.40 -17.95
C GLU A 541 -6.91 -26.47 -17.93
N CYS A 542 -7.10 -25.79 -16.81
CA CYS A 542 -8.20 -24.86 -16.66
C CYS A 542 -7.85 -23.50 -17.25
N TYR A 543 -8.81 -22.58 -17.20
CA TYR A 543 -8.64 -21.26 -17.78
C TYR A 543 -9.59 -20.30 -17.08
N PHE A 544 -9.04 -19.28 -16.44
CA PHE A 544 -9.81 -18.28 -15.72
C PHE A 544 -9.66 -16.95 -16.44
N GLU A 545 -10.79 -16.36 -16.84
CA GLU A 545 -10.79 -15.07 -17.53
C GLU A 545 -11.88 -14.18 -16.93
N ASP A 546 -11.53 -12.92 -16.70
CA ASP A 546 -12.47 -11.91 -16.21
C ASP A 546 -13.10 -12.34 -14.88
N VAL A 547 -12.27 -12.92 -14.01
CA VAL A 547 -12.70 -13.40 -12.71
C VAL A 547 -12.62 -12.25 -11.72
N THR A 548 -13.74 -11.92 -11.09
CA THR A 548 -13.79 -10.92 -10.02
C THR A 548 -13.92 -11.67 -8.72
N SER A 549 -13.12 -11.30 -7.72
CA SER A 549 -13.00 -12.06 -6.49
C SER A 549 -13.14 -11.14 -5.28
N SER A 550 -13.86 -11.61 -4.26
CA SER A 550 -13.97 -10.91 -2.98
C SER A 550 -14.18 -11.94 -1.89
N ASN A 551 -13.29 -11.95 -0.91
CA ASN A 551 -13.34 -12.93 0.19
C ASN A 551 -13.33 -14.36 -0.35
N THR A 552 -12.53 -14.59 -1.39
CA THR A 552 -12.44 -15.89 -2.06
C THR A 552 -11.05 -16.46 -1.84
N PHE A 553 -10.97 -17.75 -1.51
CA PHE A 553 -9.70 -18.39 -1.21
C PHE A 553 -9.63 -19.75 -1.87
N PHE A 554 -8.40 -20.18 -2.14
CA PHE A 554 -8.11 -21.52 -2.62
C PHE A 554 -7.19 -22.18 -1.59
N ARG A 555 -7.70 -23.18 -0.88
CA ARG A 555 -6.95 -23.86 0.16
C ARG A 555 -6.75 -25.31 -0.22
N ASN A 556 -5.52 -25.82 -0.03
CA ASN A 556 -5.19 -27.21 -0.28
C ASN A 556 -5.52 -27.60 -1.73
N CYS A 557 -5.32 -26.65 -2.64
CA CYS A 557 -5.66 -26.82 -4.04
C CYS A 557 -4.41 -27.08 -4.87
N THR A 558 -4.59 -27.75 -6.00
CA THR A 558 -3.50 -28.06 -6.93
C THR A 558 -3.89 -27.56 -8.31
N PHE A 559 -3.03 -26.75 -8.91
CA PHE A 559 -3.25 -26.21 -10.24
C PHE A 559 -2.17 -26.74 -11.18
N ILE A 560 -2.58 -27.33 -12.29
CA ILE A 560 -1.66 -27.92 -13.25
C ILE A 560 -1.98 -27.36 -14.63
N ASN A 561 -1.01 -26.69 -15.25
CA ASN A 561 -1.13 -26.15 -16.60
C ASN A 561 -2.35 -25.24 -16.73
N THR A 562 -2.61 -24.45 -15.71
CA THR A 562 -3.74 -23.53 -15.70
C THR A 562 -3.26 -22.12 -16.00
N VAL A 563 -4.14 -21.33 -16.61
CA VAL A 563 -3.82 -19.97 -17.05
C VAL A 563 -4.79 -19.01 -16.37
N PHE A 564 -4.25 -17.99 -15.73
CA PHE A 564 -5.05 -16.96 -15.06
C PHE A 564 -4.91 -15.68 -15.88
N TYR A 565 -5.86 -15.46 -16.79
CA TYR A 565 -5.82 -14.32 -17.69
C TYR A 565 -6.85 -13.29 -17.24
N ASN A 566 -6.40 -12.07 -16.97
CA ASN A 566 -7.28 -10.96 -16.60
C ASN A 566 -8.09 -11.30 -15.35
N THR A 567 -7.40 -11.72 -14.29
CA THR A 567 -8.04 -12.09 -13.04
C THR A 567 -7.38 -11.33 -11.89
N ASP A 568 -8.14 -11.11 -10.83
CA ASP A 568 -7.62 -10.49 -9.62
C ASP A 568 -7.18 -11.51 -8.59
N LEU A 569 -6.97 -12.76 -9.00
CA LEU A 569 -6.53 -13.80 -8.08
C LEU A 569 -5.07 -13.61 -7.73
N PHE A 570 -4.81 -12.76 -6.74
CA PHE A 570 -3.46 -12.43 -6.35
C PHE A 570 -2.87 -13.56 -5.49
N GLU A 571 -1.64 -13.34 -5.01
CA GLU A 571 -0.92 -14.40 -4.31
C GLU A 571 -1.50 -14.72 -2.94
N TYR A 572 -2.31 -13.81 -2.37
CA TYR A 572 -2.86 -14.04 -1.05
C TYR A 572 -4.14 -14.88 -1.08
N LYS A 573 -4.71 -15.12 -2.26
CA LYS A 573 -5.92 -15.92 -2.36
C LYS A 573 -5.64 -17.40 -2.54
N PHE A 574 -4.38 -17.79 -2.72
CA PHE A 574 -3.98 -19.18 -2.80
C PHE A 574 -3.31 -19.54 -1.48
N VAL A 575 -4.05 -20.21 -0.61
CA VAL A 575 -3.59 -20.54 0.73
C VAL A 575 -3.11 -21.98 0.73
N ASN A 576 -1.80 -22.17 0.90
CA ASN A 576 -1.19 -23.50 0.94
C ASN A 576 -1.52 -24.30 -0.32
N SER A 577 -1.44 -23.63 -1.46
CA SER A 577 -1.73 -24.24 -2.75
C SER A 577 -0.44 -24.61 -3.47
N ARG A 578 -0.58 -25.41 -4.52
CA ARG A 578 0.54 -25.85 -5.34
C ARG A 578 0.20 -25.59 -6.80
N LEU A 579 1.00 -24.74 -7.45
CA LEU A 579 0.83 -24.42 -8.85
C LEU A 579 1.96 -25.04 -9.66
N ILE A 580 1.61 -25.71 -10.76
CA ILE A 580 2.58 -26.35 -11.64
C ILE A 580 2.35 -25.82 -13.05
N ASN A 581 3.37 -25.18 -13.61
CA ASN A 581 3.33 -24.66 -14.98
C ASN A 581 2.17 -23.67 -15.17
N SER A 582 1.89 -22.90 -14.13
CA SER A 582 0.81 -21.92 -14.16
C SER A 582 1.31 -20.60 -14.73
N THR A 583 0.39 -19.87 -15.36
CA THR A 583 0.70 -18.61 -16.01
C THR A 583 -0.27 -17.53 -15.54
N PHE A 584 0.26 -16.41 -15.10
CA PHE A 584 -0.53 -15.25 -14.69
C PHE A 584 -0.30 -14.13 -15.70
N LEU A 585 -1.38 -13.68 -16.34
CA LEU A 585 -1.26 -12.67 -17.38
C LEU A 585 -2.32 -11.60 -17.18
N HIS A 586 -1.90 -10.33 -17.32
CA HIS A 586 -2.81 -9.19 -17.26
C HIS A 586 -3.60 -9.15 -15.95
N ASN A 587 -2.89 -9.27 -14.84
CA ASN A 587 -3.55 -9.23 -13.54
C ASN A 587 -4.19 -7.87 -13.32
N LYS A 588 -5.40 -7.88 -12.78
CA LYS A 588 -6.13 -6.65 -12.53
C LYS A 588 -5.46 -5.84 -11.42
N GLU A 589 -5.69 -4.54 -11.45
CA GLU A 589 -5.20 -3.66 -10.40
C GLU A 589 -6.03 -3.84 -9.14
N GLY A 590 -5.36 -3.97 -8.00
CA GLY A 590 -6.06 -4.17 -6.75
C GLY A 590 -5.11 -4.08 -5.59
N CYS A 591 -5.68 -4.13 -4.40
CA CYS A 591 -4.89 -4.03 -3.19
C CYS A 591 -4.07 -5.30 -2.98
N PRO A 592 -2.87 -5.18 -2.42
CA PRO A 592 -2.05 -6.37 -2.14
C PRO A 592 -2.68 -7.32 -1.14
N LEU A 593 -3.64 -6.87 -0.33
CA LEU A 593 -4.26 -7.70 0.68
C LEU A 593 -5.77 -7.55 0.62
N ASP A 594 -6.46 -8.41 1.38
CA ASP A 594 -7.93 -8.41 1.38
C ASP A 594 -8.45 -7.14 2.04
N VAL A 595 -9.49 -6.56 1.45
CA VAL A 595 -10.03 -5.28 1.89
C VAL A 595 -11.51 -5.34 2.22
N THR A 596 -12.18 -6.47 1.98
CA THR A 596 -13.58 -6.68 2.35
C THR A 596 -14.48 -5.74 1.54
N GLY A 597 -15.80 -5.93 1.59
CA GLY A 597 -16.72 -5.06 0.89
C GLY A 597 -18.06 -4.92 1.59
N THR A 598 -18.57 -3.68 1.65
CA THR A 598 -19.84 -3.37 2.30
C THR A 598 -20.82 -2.86 1.26
N GLY A 599 -22.01 -3.44 1.21
CA GLY A 599 -23.01 -3.04 0.25
C GLY A 599 -24.22 -2.37 0.86
N GLU A 600 -25.35 -3.10 0.89
CA GLU A 600 -26.59 -2.52 1.38
C GLU A 600 -26.56 -2.25 2.88
N GLY A 601 -25.79 -3.05 3.63
CA GLY A 601 -25.78 -2.91 5.08
C GLY A 601 -25.44 -1.51 5.53
N ALA A 602 -24.62 -0.79 4.76
CA ALA A 602 -24.26 0.58 5.11
C ALA A 602 -25.52 1.42 5.33
N TYR A 603 -26.50 1.28 4.43
CA TYR A 603 -27.79 1.94 4.64
C TYR A 603 -28.29 1.72 6.07
N MET A 604 -28.45 0.46 6.46
CA MET A 604 -28.94 0.18 7.81
C MET A 604 -28.06 0.82 8.87
N VAL A 605 -26.74 0.82 8.64
CA VAL A 605 -25.84 1.45 9.60
C VAL A 605 -26.26 2.89 9.85
N TYR A 606 -26.50 3.64 8.79
CA TYR A 606 -26.92 5.03 8.94
C TYR A 606 -28.20 5.09 9.76
N PHE A 607 -29.17 4.23 9.44
CA PHE A 607 -30.42 4.20 10.20
C PHE A 607 -30.14 3.99 11.67
N VAL A 608 -29.25 3.05 11.99
CA VAL A 608 -28.93 2.78 13.39
C VAL A 608 -28.40 4.04 14.06
N SER A 609 -27.52 4.77 13.37
CA SER A 609 -27.02 6.02 13.91
C SER A 609 -28.16 6.99 14.16
N PHE A 610 -29.09 7.10 13.21
CA PHE A 610 -30.21 8.02 13.38
C PHE A 610 -31.07 7.61 14.57
N LEU A 611 -31.04 6.34 14.95
CA LEU A 611 -31.76 5.92 16.13
C LEU A 611 -30.95 6.06 17.41
N GLY A 612 -29.62 6.06 17.30
CA GLY A 612 -28.79 6.23 18.48
C GLY A 612 -28.69 7.66 18.97
N THR A 613 -28.90 8.63 18.08
CA THR A 613 -28.85 10.04 18.42
C THR A 613 -30.22 10.69 18.40
N LEU A 614 -31.29 9.90 18.39
CA LEU A 614 -32.64 10.43 18.50
C LEU A 614 -33.34 10.05 19.79
N ALA A 615 -32.99 8.92 20.40
CA ALA A 615 -33.49 8.62 21.73
C ALA A 615 -32.90 9.58 22.76
N VAL A 616 -31.82 10.27 22.40
CA VAL A 616 -31.21 11.30 23.24
C VAL A 616 -32.17 12.46 23.48
N LEU A 617 -33.05 12.77 22.53
CA LEU A 617 -33.87 13.97 22.62
C LEU A 617 -34.80 14.01 23.83
N PRO A 618 -35.55 12.94 24.17
CA PRO A 618 -36.35 13.02 25.41
C PRO A 618 -35.52 13.29 26.64
N GLY A 619 -34.35 12.67 26.75
CA GLY A 619 -33.49 12.94 27.89
C GLY A 619 -33.01 14.37 27.93
N ASN A 620 -32.64 14.91 26.76
CA ASN A 620 -32.23 16.31 26.70
C ASN A 620 -33.35 17.24 27.15
N ILE A 621 -34.57 16.99 26.67
CA ILE A 621 -35.70 17.85 27.02
C ILE A 621 -35.97 17.79 28.51
N VAL A 622 -36.01 16.57 29.07
CA VAL A 622 -36.31 16.41 30.48
C VAL A 622 -35.23 17.06 31.33
N SER A 623 -33.96 16.83 31.00
CA SER A 623 -32.87 17.41 31.79
C SER A 623 -32.88 18.92 31.71
N ALA A 624 -33.09 19.48 30.52
CA ALA A 624 -33.14 20.93 30.37
C ALA A 624 -34.28 21.54 31.18
N LEU A 625 -35.44 20.87 31.17
CA LEU A 625 -36.58 21.43 31.89
C LEU A 625 -36.42 21.30 33.40
N LEU A 626 -35.71 20.27 33.86
CA LEU A 626 -35.75 19.89 35.27
C LEU A 626 -34.44 20.15 36.03
N MET A 627 -33.40 20.66 35.35
CA MET A 627 -32.11 20.84 36.01
C MET A 627 -32.22 21.80 37.19
N ASP A 628 -32.94 22.90 37.02
CA ASP A 628 -33.12 23.83 38.14
C ASP A 628 -34.10 23.30 39.18
N LYS A 629 -35.09 22.52 38.75
CA LYS A 629 -36.13 22.08 39.68
C LYS A 629 -35.62 21.03 40.65
N ILE A 630 -34.87 20.04 40.19
CA ILE A 630 -34.36 19.06 41.15
C ILE A 630 -32.92 19.43 41.56
N GLY A 631 -32.06 19.65 40.58
CA GLY A 631 -30.69 20.02 40.84
C GLY A 631 -29.73 19.23 39.97
N ARG A 632 -28.49 19.71 39.92
CA ARG A 632 -27.48 19.05 39.10
C ARG A 632 -27.10 17.70 39.69
N LEU A 633 -26.88 17.65 41.00
CA LEU A 633 -26.40 16.44 41.65
C LEU A 633 -27.40 15.30 41.50
N ARG A 634 -28.67 15.57 41.77
CA ARG A 634 -29.68 14.52 41.71
C ARG A 634 -29.91 14.05 40.29
N MET A 635 -29.89 14.95 39.32
CA MET A 635 -30.01 14.55 37.92
C MET A 635 -28.83 13.67 37.51
N LEU A 636 -27.61 14.07 37.87
CA LEU A 636 -26.44 13.27 37.54
C LEU A 636 -26.52 11.88 38.15
N ALA A 637 -26.86 11.80 39.44
CA ALA A 637 -26.91 10.51 40.11
C ALA A 637 -28.02 9.64 39.57
N GLY A 638 -29.20 10.21 39.35
CA GLY A 638 -30.33 9.46 38.86
C GLY A 638 -30.20 9.02 37.42
N SER A 639 -29.35 9.68 36.65
CA SER A 639 -29.07 9.19 35.31
C SER A 639 -27.96 8.15 35.30
N SER A 640 -26.92 8.33 36.13
CA SER A 640 -25.87 7.31 36.21
C SER A 640 -26.41 5.98 36.73
N VAL A 641 -27.29 6.03 37.74
CA VAL A 641 -27.85 4.79 38.28
C VAL A 641 -28.69 4.07 37.23
N MET A 642 -29.51 4.83 36.49
CA MET A 642 -30.30 4.22 35.43
C MET A 642 -29.42 3.67 34.32
N SER A 643 -28.30 4.33 34.02
CA SER A 643 -27.35 3.79 33.04
C SER A 643 -26.77 2.47 33.53
N CYS A 644 -26.44 2.37 34.82
CA CYS A 644 -25.95 1.11 35.36
C CYS A 644 -27.02 0.01 35.26
N VAL A 645 -28.28 0.37 35.53
CA VAL A 645 -29.36 -0.60 35.41
C VAL A 645 -29.50 -1.08 33.98
N SER A 646 -29.39 -0.17 33.01
CA SER A 646 -29.44 -0.58 31.61
C SER A 646 -28.25 -1.46 31.24
N CYS A 647 -27.07 -1.16 31.80
CA CYS A 647 -25.92 -2.03 31.60
C CYS A 647 -26.21 -3.44 32.10
N PHE A 648 -26.89 -3.55 33.23
CA PHE A 648 -27.32 -4.86 33.70
C PHE A 648 -28.30 -5.50 32.72
N PHE A 649 -29.24 -4.71 32.20
CA PHE A 649 -30.22 -5.22 31.24
C PHE A 649 -29.58 -5.70 29.94
N LEU A 650 -28.36 -5.25 29.66
CA LEU A 650 -27.67 -5.61 28.42
C LEU A 650 -27.63 -7.10 28.14
N SER A 651 -27.78 -7.95 29.16
CA SER A 651 -27.64 -9.39 28.96
C SER A 651 -28.74 -9.95 28.07
N PHE A 652 -29.96 -9.43 28.20
CA PHE A 652 -31.11 -9.96 27.48
C PHE A 652 -31.19 -9.45 26.04
N GLY A 653 -30.12 -9.56 25.27
CA GLY A 653 -30.14 -9.18 23.88
C GLY A 653 -29.26 -10.06 23.03
N ASN A 654 -29.84 -10.67 22.00
CA ASN A 654 -29.11 -11.61 21.15
C ASN A 654 -29.39 -11.43 19.67
N SER A 655 -30.33 -10.58 19.28
CA SER A 655 -30.63 -10.30 17.89
C SER A 655 -30.27 -8.85 17.58
N GLU A 656 -30.33 -8.50 16.29
CA GLU A 656 -30.04 -7.13 15.88
C GLU A 656 -31.09 -6.15 16.39
N SER A 657 -32.36 -6.53 16.32
CA SER A 657 -33.41 -5.63 16.81
C SER A 657 -33.27 -5.37 18.30
N ALA A 658 -32.97 -6.42 19.07
CA ALA A 658 -32.79 -6.25 20.51
C ALA A 658 -31.64 -5.30 20.81
N MET A 659 -30.55 -5.40 20.05
CA MET A 659 -29.40 -4.54 20.32
C MET A 659 -29.65 -3.11 19.85
N ILE A 660 -30.43 -2.93 18.77
CA ILE A 660 -30.84 -1.58 18.40
C ILE A 660 -31.68 -0.95 19.52
N ALA A 661 -32.60 -1.72 20.07
CA ALA A 661 -33.41 -1.22 21.18
C ALA A 661 -32.54 -0.90 22.40
N LEU A 662 -31.58 -1.76 22.72
CA LEU A 662 -30.71 -1.52 23.86
C LEU A 662 -29.83 -0.30 23.65
N LEU A 663 -29.32 -0.11 22.43
CA LEU A 663 -28.54 1.07 22.11
C LEU A 663 -29.37 2.33 22.28
N CYS A 664 -30.61 2.31 21.78
CA CYS A 664 -31.48 3.46 21.94
C CYS A 664 -31.74 3.75 23.42
N LEU A 665 -32.00 2.71 24.21
CA LEU A 665 -32.26 2.91 25.63
C LEU A 665 -31.07 3.53 26.34
N PHE A 666 -29.87 2.97 26.13
CA PHE A 666 -28.69 3.48 26.81
C PHE A 666 -28.36 4.90 26.38
N GLY A 667 -28.47 5.19 25.08
CA GLY A 667 -28.23 6.54 24.60
C GLY A 667 -29.22 7.54 25.16
N GLY A 668 -30.48 7.15 25.27
CA GLY A 668 -31.48 8.05 25.82
C GLY A 668 -31.38 8.20 27.32
N VAL A 669 -30.70 7.27 27.99
CA VAL A 669 -30.56 7.34 29.44
C VAL A 669 -29.35 8.17 29.85
N SER A 670 -28.20 8.00 29.21
CA SER A 670 -26.98 8.63 29.71
C SER A 670 -26.87 10.13 29.38
N ILE A 671 -27.75 10.64 28.52
CA ILE A 671 -27.59 12.02 28.05
C ILE A 671 -27.87 13.01 29.18
N ALA A 672 -28.82 12.70 30.06
CA ALA A 672 -29.09 13.59 31.19
C ALA A 672 -27.88 13.66 32.12
N SER A 673 -27.22 12.54 32.34
CA SER A 673 -26.01 12.53 33.15
C SER A 673 -24.93 13.41 32.53
N TRP A 674 -24.77 13.31 31.21
CA TRP A 674 -23.74 14.13 30.56
C TRP A 674 -24.08 15.62 30.63
N ASN A 675 -25.35 15.97 30.43
CA ASN A 675 -25.80 17.36 30.58
C ASN A 675 -25.49 17.88 31.98
N ALA A 676 -25.86 17.11 33.00
CA ALA A 676 -25.65 17.55 34.38
C ALA A 676 -24.16 17.71 34.67
N LEU A 677 -23.33 16.80 34.17
CA LEU A 677 -21.89 16.92 34.41
C LEU A 677 -21.33 18.17 33.73
N ASP A 678 -21.79 18.48 32.51
CA ASP A 678 -21.33 19.69 31.83
C ASP A 678 -21.67 20.93 32.64
N VAL A 679 -22.93 21.03 33.09
CA VAL A 679 -23.35 22.19 33.87
C VAL A 679 -22.57 22.28 35.17
N LEU A 680 -22.36 21.14 35.84
CA LEU A 680 -21.60 21.13 37.09
C LEU A 680 -20.19 21.62 36.90
N THR A 681 -19.45 21.06 35.93
CA THR A 681 -18.08 21.48 35.74
C THR A 681 -17.97 22.91 35.24
N VAL A 682 -19.02 23.44 34.62
CA VAL A 682 -19.04 24.87 34.30
C VAL A 682 -19.18 25.70 35.57
N GLU A 683 -20.07 25.28 36.47
CA GLU A 683 -20.41 26.11 37.63
C GLU A 683 -19.43 25.98 38.79
N LEU A 684 -18.54 24.99 38.76
CA LEU A 684 -17.72 24.66 39.92
C LEU A 684 -16.35 25.34 39.91
N TYR A 685 -16.06 26.18 38.93
CA TYR A 685 -14.74 26.77 38.84
C TYR A 685 -14.83 28.28 38.68
N PRO A 686 -13.85 29.01 39.21
CA PRO A 686 -13.86 30.46 39.04
C PRO A 686 -13.59 30.85 37.60
N SER A 687 -14.01 32.08 37.26
CA SER A 687 -13.94 32.53 35.88
C SER A 687 -12.53 32.70 35.36
N ASP A 688 -11.52 32.67 36.24
CA ASP A 688 -10.13 32.77 35.81
C ASP A 688 -9.48 31.41 35.61
N LYS A 689 -10.22 30.32 35.83
CA LYS A 689 -9.70 28.97 35.61
C LYS A 689 -10.73 28.06 34.96
N ARG A 690 -11.85 28.60 34.49
CA ARG A 690 -12.94 27.76 34.02
C ARG A 690 -12.54 26.95 32.79
N THR A 691 -12.00 27.61 31.77
CA THR A 691 -11.67 26.90 30.53
C THR A 691 -10.48 25.98 30.72
N THR A 692 -9.51 26.35 31.56
CA THR A 692 -8.38 25.47 31.81
C THR A 692 -8.82 24.15 32.42
N ALA A 693 -9.59 24.23 33.51
CA ALA A 693 -10.07 23.03 34.19
C ALA A 693 -11.00 22.22 33.30
N PHE A 694 -11.93 22.90 32.62
CA PHE A 694 -12.86 22.19 31.76
C PHE A 694 -12.16 21.51 30.59
N GLY A 695 -11.16 22.17 30.00
CA GLY A 695 -10.39 21.53 28.94
C GLY A 695 -9.57 20.36 29.42
N PHE A 696 -9.00 20.47 30.62
CA PHE A 696 -8.27 19.33 31.18
C PHE A 696 -9.19 18.14 31.40
N LEU A 697 -10.37 18.38 31.97
CA LEU A 697 -11.35 17.32 32.17
C LEU A 697 -11.85 16.73 30.86
N ASN A 698 -12.05 17.55 29.83
CA ASN A 698 -12.44 17.03 28.53
C ASN A 698 -11.33 16.22 27.85
N ALA A 699 -10.07 16.62 28.02
CA ALA A 699 -8.96 15.81 27.53
C ALA A 699 -8.91 14.46 28.24
N LEU A 700 -9.15 14.46 29.56
CA LEU A 700 -9.26 13.20 30.29
C LEU A 700 -10.42 12.37 29.76
N CYS A 701 -11.53 13.02 29.42
CA CYS A 701 -12.67 12.32 28.84
C CYS A 701 -12.29 11.65 27.52
N LYS A 702 -11.55 12.36 26.66
CA LYS A 702 -11.15 11.76 25.38
C LYS A 702 -10.16 10.62 25.57
N LEU A 703 -9.23 10.75 26.52
CA LEU A 703 -8.31 9.64 26.78
C LEU A 703 -9.07 8.41 27.29
N ALA A 704 -10.00 8.62 28.22
CA ALA A 704 -10.84 7.51 28.70
C ALA A 704 -11.67 6.94 27.56
N ALA A 705 -12.09 7.79 26.61
CA ALA A 705 -12.82 7.31 25.46
C ALA A 705 -11.98 6.35 24.62
N VAL A 706 -10.72 6.72 24.39
CA VAL A 706 -9.81 5.84 23.64
C VAL A 706 -9.66 4.50 24.36
N LEU A 707 -9.38 4.56 25.66
CA LEU A 707 -9.18 3.33 26.42
C LEU A 707 -10.43 2.45 26.40
N GLY A 708 -11.59 3.05 26.62
CA GLY A 708 -12.83 2.29 26.67
C GLY A 708 -13.19 1.72 25.32
N ILE A 709 -12.97 2.47 24.24
CA ILE A 709 -13.25 1.95 22.91
C ILE A 709 -12.39 0.73 22.64
N SER A 710 -11.09 0.82 22.93
CA SER A 710 -10.21 -0.33 22.70
C SER A 710 -10.64 -1.53 23.52
N ILE A 711 -10.89 -1.32 24.82
CA ILE A 711 -11.20 -2.44 25.72
C ILE A 711 -12.52 -3.09 25.31
N PHE A 712 -13.54 -2.28 25.03
CA PHE A 712 -14.85 -2.85 24.71
C PHE A 712 -14.90 -3.47 23.31
N THR A 713 -14.10 -2.95 22.37
CA THR A 713 -13.97 -3.62 21.08
C THR A 713 -13.25 -4.95 21.20
N SER A 714 -12.28 -5.07 22.11
CA SER A 714 -11.58 -6.34 22.28
C SER A 714 -12.49 -7.43 22.85
N PHE A 715 -13.67 -7.09 23.36
CA PHE A 715 -14.57 -8.04 23.99
C PHE A 715 -15.72 -8.48 23.10
N VAL A 716 -15.72 -8.11 21.83
CA VAL A 716 -16.84 -8.44 20.95
C VAL A 716 -16.73 -9.89 20.54
N GLY A 717 -17.81 -10.64 20.74
CA GLY A 717 -17.86 -12.04 20.36
C GLY A 717 -17.24 -13.00 21.33
N ILE A 718 -16.73 -12.53 22.47
CA ILE A 718 -16.10 -13.41 23.44
C ILE A 718 -17.12 -13.75 24.52
N THR A 719 -17.67 -12.71 25.17
CA THR A 719 -18.69 -12.92 26.20
C THR A 719 -19.36 -11.57 26.48
N LYS A 720 -20.58 -11.64 27.01
CA LYS A 720 -21.31 -10.45 27.42
C LYS A 720 -21.04 -10.07 28.86
N ALA A 721 -20.32 -10.89 29.62
CA ALA A 721 -20.10 -10.59 31.03
C ALA A 721 -19.10 -9.47 31.21
N ALA A 722 -18.01 -9.49 30.44
CA ALA A 722 -16.96 -8.47 30.62
C ALA A 722 -17.45 -7.06 30.32
N PRO A 723 -18.10 -6.76 29.19
CA PRO A 723 -18.57 -5.38 28.98
C PRO A 723 -19.59 -4.93 30.00
N ILE A 724 -20.53 -5.81 30.36
CA ILE A 724 -21.55 -5.43 31.34
C ILE A 724 -20.90 -5.12 32.69
N LEU A 725 -19.98 -5.98 33.14
CA LEU A 725 -19.32 -5.76 34.42
C LEU A 725 -18.49 -4.49 34.40
N PHE A 726 -17.72 -4.27 33.33
CA PHE A 726 -16.89 -3.07 33.26
C PHE A 726 -17.73 -1.80 33.28
N ALA A 727 -18.75 -1.75 32.42
CA ALA A 727 -19.59 -0.55 32.35
C ALA A 727 -20.33 -0.31 33.66
N SER A 728 -20.90 -1.36 34.26
CA SER A 728 -21.64 -1.17 35.49
C SER A 728 -20.73 -0.73 36.63
N ALA A 729 -19.54 -1.34 36.75
CA ALA A 729 -18.62 -0.95 37.81
C ALA A 729 -18.16 0.49 37.64
N ALA A 730 -17.79 0.86 36.41
CA ALA A 730 -17.34 2.22 36.17
C ALA A 730 -18.44 3.24 36.45
N LEU A 731 -19.66 2.97 36.00
CA LEU A 731 -20.75 3.91 36.25
C LEU A 731 -21.12 3.98 37.72
N ALA A 732 -21.07 2.87 38.44
CA ALA A 732 -21.35 2.91 39.88
C ALA A 732 -20.30 3.73 40.61
N LEU A 733 -19.03 3.54 40.28
CA LEU A 733 -17.98 4.35 40.89
C LEU A 733 -18.14 5.82 40.54
N GLY A 734 -18.50 6.11 39.29
CA GLY A 734 -18.71 7.49 38.90
C GLY A 734 -19.85 8.16 39.64
N SER A 735 -20.98 7.45 39.80
CA SER A 735 -22.10 8.00 40.56
C SER A 735 -21.74 8.19 42.03
N SER A 736 -20.99 7.24 42.60
CA SER A 736 -20.57 7.37 43.99
C SER A 736 -19.67 8.58 44.19
N LEU A 737 -18.74 8.80 43.25
CA LEU A 737 -17.89 9.98 43.34
C LEU A 737 -18.66 11.27 43.09
N ALA A 738 -19.68 11.21 42.24
CA ALA A 738 -20.47 12.40 41.94
C ALA A 738 -21.33 12.81 43.12
N LEU A 739 -21.85 11.84 43.88
CA LEU A 739 -22.72 12.18 45.00
C LEU A 739 -22.02 12.94 46.12
N LYS A 740 -20.69 13.00 46.11
CA LYS A 740 -19.93 13.73 47.12
C LYS A 740 -19.63 15.16 46.72
N LEU A 741 -20.07 15.60 45.53
CA LEU A 741 -19.78 16.92 45.00
C LEU A 741 -20.57 18.00 45.72
N PRO A 742 -20.01 19.19 45.86
CA PRO A 742 -20.78 20.30 46.43
C PRO A 742 -21.90 20.74 45.49
N GLU A 743 -22.97 21.24 46.09
CA GLU A 743 -24.11 21.72 45.33
C GLU A 743 -23.86 23.15 44.86
N THR A 744 -24.10 23.40 43.58
CA THR A 744 -23.88 24.72 42.99
C THR A 744 -25.17 25.44 42.63
N ARG A 745 -26.33 24.81 42.86
CA ARG A 745 -27.60 25.44 42.51
C ARG A 745 -27.87 26.64 43.42
N GLY A 746 -28.41 27.69 42.82
CA GLY A 746 -28.76 28.90 43.57
C GLY A 746 -27.56 29.62 44.13
N GLN A 747 -26.50 29.74 43.34
CA GLN A 747 -25.29 30.44 43.74
C GLN A 747 -24.85 31.38 42.62
N VAL A 748 -24.21 32.48 43.00
CA VAL A 748 -23.65 33.38 42.00
C VAL A 748 -22.51 32.67 41.28
N LEU A 749 -22.29 33.04 40.02
CA LEU A 749 -21.24 32.40 39.22
C LEU A 749 -19.90 32.92 39.72
N GLN A 750 -19.42 32.32 40.80
CA GLN A 750 -18.18 32.72 41.43
C GLN A 750 -16.99 32.20 40.63
N THR B 6 49.07 -23.42 -27.80
CA THR B 6 48.75 -23.47 -26.38
C THR B 6 47.54 -24.37 -26.11
N SER B 7 46.86 -24.77 -27.19
CA SER B 7 45.67 -25.59 -27.10
C SER B 7 46.00 -27.02 -27.51
N ILE B 8 45.63 -27.98 -26.67
CA ILE B 8 45.87 -29.39 -26.94
C ILE B 8 44.65 -30.06 -27.55
N LEU B 9 43.47 -29.75 -27.04
CA LEU B 9 42.22 -30.24 -27.59
C LEU B 9 41.33 -29.05 -27.91
N SER B 10 40.76 -29.04 -29.12
CA SER B 10 39.84 -27.99 -29.52
C SER B 10 38.86 -28.60 -30.52
N ILE B 11 37.69 -28.98 -30.04
CA ILE B 11 36.70 -29.65 -30.87
C ILE B 11 35.93 -28.60 -31.67
N VAL B 12 35.98 -28.71 -33.00
CA VAL B 12 35.27 -27.81 -33.90
C VAL B 12 34.56 -28.65 -34.94
N TYR B 13 33.75 -27.98 -35.74
CA TYR B 13 32.98 -28.62 -36.80
C TYR B 13 33.69 -28.46 -38.14
N LYS B 14 33.40 -29.39 -39.05
CA LYS B 14 33.95 -29.36 -40.40
C LYS B 14 32.91 -29.97 -41.33
N LYS B 15 33.34 -30.39 -42.52
CA LYS B 15 32.40 -30.91 -43.50
C LYS B 15 31.80 -32.22 -43.01
N ASP B 16 30.64 -32.11 -42.34
CA ASP B 16 29.89 -33.26 -41.84
C ASP B 16 30.72 -34.13 -40.89
N ASP B 17 31.52 -33.48 -40.03
CA ASP B 17 32.30 -34.21 -39.04
C ASP B 17 32.73 -33.25 -37.94
N LEU B 18 33.18 -33.84 -36.83
CA LEU B 18 33.77 -33.11 -35.71
C LEU B 18 35.26 -33.40 -35.68
N ILE B 19 36.07 -32.36 -35.69
CA ILE B 19 37.52 -32.49 -35.79
C ILE B 19 38.18 -31.72 -34.66
N ASP B 20 39.49 -31.87 -34.56
CA ASP B 20 40.32 -31.17 -33.58
C ASP B 20 41.30 -30.27 -34.31
N LEU B 21 41.29 -28.99 -33.98
CA LEU B 21 42.14 -28.04 -34.68
C LEU B 21 43.60 -28.15 -34.25
N SER B 22 43.86 -28.74 -33.09
CA SER B 22 45.23 -28.88 -32.61
C SER B 22 46.00 -29.88 -33.46
N ARG B 23 47.33 -29.81 -33.37
CA ARG B 23 48.18 -30.69 -34.16
C ARG B 23 48.39 -32.03 -33.46
N TYR B 24 47.30 -32.68 -33.07
CA TYR B 24 47.36 -33.99 -32.44
C TYR B 24 46.42 -35.01 -33.05
N GLY B 25 45.34 -34.60 -33.71
CA GLY B 25 44.45 -35.54 -34.35
C GLY B 25 43.75 -36.49 -33.40
N ALA B 26 43.20 -35.94 -32.31
CA ALA B 26 42.46 -36.76 -31.36
C ALA B 26 41.26 -37.41 -32.04
N LYS B 27 41.08 -38.70 -31.79
CA LYS B 27 40.01 -39.45 -32.45
C LYS B 27 38.67 -39.10 -31.82
N ILE B 28 37.67 -38.85 -32.67
CA ILE B 28 36.34 -38.46 -32.21
C ILE B 28 35.32 -39.45 -32.75
N ASN B 29 34.50 -40.00 -31.85
CA ASN B 29 33.42 -40.91 -32.19
C ASN B 29 32.10 -40.30 -31.75
N ILE B 30 31.17 -40.15 -32.69
CA ILE B 30 29.90 -39.50 -32.43
C ILE B 30 28.80 -40.54 -32.48
N GLY B 31 27.93 -40.53 -31.47
CA GLY B 31 26.85 -41.49 -31.40
C GLY B 31 25.80 -41.26 -32.48
N ASP B 32 24.89 -42.21 -32.57
CA ASP B 32 23.86 -42.19 -33.61
C ASP B 32 22.66 -41.33 -33.23
N ARG B 33 22.64 -40.74 -32.04
CA ARG B 33 21.57 -39.83 -31.66
C ARG B 33 22.10 -38.49 -31.18
N VAL B 34 23.23 -38.05 -31.72
CA VAL B 34 23.76 -36.71 -31.44
C VAL B 34 23.29 -35.76 -32.52
N TYR B 35 22.74 -34.61 -32.11
CA TYR B 35 22.11 -33.68 -33.03
C TYR B 35 22.95 -32.41 -33.17
N TYR B 36 22.64 -31.66 -34.23
CA TYR B 36 23.26 -30.37 -34.48
C TYR B 36 22.19 -29.39 -34.92
N ASP B 37 22.48 -28.09 -34.72
CA ASP B 37 21.56 -27.06 -35.15
C ASP B 37 21.62 -26.89 -36.66
N SER B 38 20.63 -26.20 -37.21
CA SER B 38 20.60 -25.95 -38.65
C SER B 38 21.41 -24.72 -39.05
N ILE B 39 21.38 -23.66 -38.24
CA ILE B 39 22.04 -22.41 -38.56
C ILE B 39 23.44 -22.34 -37.97
N ASP B 40 23.60 -22.84 -36.75
CA ASP B 40 24.88 -22.79 -36.05
C ASP B 40 25.35 -24.20 -35.76
N LYS B 41 25.32 -25.06 -36.80
CA LYS B 41 25.58 -26.49 -36.69
C LYS B 41 26.87 -26.81 -35.93
N ASN B 42 27.74 -25.82 -35.71
CA ASN B 42 28.93 -26.06 -34.91
C ASN B 42 28.58 -26.41 -33.47
N GLN B 43 27.48 -25.86 -32.95
CA GLN B 43 27.05 -26.20 -31.60
C GLN B 43 26.34 -27.55 -31.59
N ILE B 44 26.63 -28.34 -30.56
CA ILE B 44 26.20 -29.73 -30.49
C ILE B 44 25.20 -29.88 -29.34
N LYS B 45 24.29 -30.83 -29.48
CA LYS B 45 23.25 -31.10 -28.50
C LYS B 45 23.33 -32.55 -28.03
N LEU B 46 23.22 -32.73 -26.71
CA LEU B 46 23.24 -34.05 -26.09
C LEU B 46 21.94 -34.28 -25.33
N ILE B 47 21.32 -35.44 -25.55
CA ILE B 47 20.06 -35.77 -24.89
C ILE B 47 20.31 -36.90 -23.90
N ASN B 48 19.26 -37.25 -23.16
CA ASN B 48 19.35 -38.21 -22.05
C ASN B 48 19.11 -39.64 -22.55
N LEU B 49 20.00 -40.09 -23.43
CA LEU B 49 19.98 -41.46 -23.95
C LEU B 49 21.40 -41.99 -24.04
N GLU B 50 21.50 -43.33 -24.04
CA GLU B 50 22.82 -43.96 -24.10
C GLU B 50 23.49 -43.71 -25.45
N SER B 51 22.70 -43.67 -26.52
CA SER B 51 23.25 -43.43 -27.85
C SER B 51 23.68 -41.99 -28.07
N SER B 52 23.30 -41.06 -27.18
CA SER B 52 23.70 -39.67 -27.28
C SER B 52 25.09 -39.51 -26.67
N THR B 53 26.09 -39.90 -27.46
CA THR B 53 27.46 -40.05 -27.01
C THR B 53 28.39 -39.23 -27.88
N ILE B 54 29.29 -38.48 -27.24
CA ILE B 54 30.44 -37.89 -27.93
C ILE B 54 31.68 -38.40 -27.20
N GLU B 55 32.64 -38.92 -27.98
CA GLU B 55 33.78 -39.62 -27.41
C GLU B 55 35.03 -39.02 -28.05
N VAL B 56 35.97 -38.58 -27.23
CA VAL B 56 37.24 -38.09 -27.77
C VAL B 56 38.38 -38.84 -27.08
N ILE B 57 39.34 -39.28 -27.88
CA ILE B 57 40.49 -40.06 -27.42
C ILE B 57 41.75 -39.31 -27.81
N LEU B 58 42.60 -39.05 -26.83
CA LEU B 58 43.81 -38.27 -27.02
C LEU B 58 44.98 -39.20 -27.33
N LYS B 59 46.18 -38.65 -27.34
CA LYS B 59 47.40 -39.40 -27.51
C LYS B 59 48.09 -39.61 -26.16
N ASN B 60 48.97 -40.61 -26.11
CA ASN B 60 49.69 -40.91 -24.88
C ASN B 60 50.66 -39.81 -24.48
N ALA B 61 51.04 -38.93 -25.41
CA ALA B 61 51.99 -37.87 -25.11
C ALA B 61 51.35 -36.65 -24.47
N ILE B 62 50.02 -36.61 -24.37
CA ILE B 62 49.31 -35.48 -23.80
C ILE B 62 48.38 -35.89 -22.66
N VAL B 63 48.60 -37.08 -22.10
CA VAL B 63 47.76 -37.57 -21.02
C VAL B 63 48.17 -36.86 -19.73
N TYR B 64 47.16 -36.35 -19.00
CA TYR B 64 47.44 -35.65 -17.75
C TYR B 64 47.78 -36.63 -16.65
N ASN B 65 49.09 -36.85 -16.45
CA ASN B 65 49.55 -37.78 -15.42
C ASN B 65 50.76 -37.23 -14.67
N SER B 66 50.98 -35.92 -14.69
CA SER B 66 52.18 -35.35 -14.10
C SER B 66 51.92 -34.92 -12.66
N MET B 67 52.95 -34.33 -12.03
CA MET B 67 52.90 -33.92 -10.64
C MET B 67 52.43 -32.49 -10.43
N TYR B 68 52.98 -31.54 -11.17
CA TYR B 68 52.66 -30.12 -10.99
C TYR B 68 52.16 -29.50 -12.29
N GLU B 69 51.60 -30.31 -13.18
CA GLU B 69 51.19 -29.81 -14.48
C GLU B 69 49.94 -28.95 -14.35
N ASN B 70 49.98 -27.76 -14.94
CA ASN B 70 48.86 -26.84 -14.94
C ASN B 70 47.97 -27.11 -16.16
N PHE B 71 46.69 -26.82 -16.02
CA PHE B 71 45.77 -27.00 -17.13
C PHE B 71 44.52 -26.16 -16.94
N SER B 72 43.75 -26.05 -18.03
CA SER B 72 42.53 -25.27 -18.03
C SER B 72 41.63 -25.78 -19.16
N THR B 73 40.34 -25.51 -19.01
CA THR B 73 39.35 -25.92 -20.00
C THR B 73 38.36 -24.78 -20.21
N SER B 74 37.74 -24.76 -21.39
CA SER B 74 36.75 -23.74 -21.69
C SER B 74 35.73 -24.28 -22.68
N PHE B 75 34.49 -23.82 -22.56
CA PHE B 75 33.42 -24.23 -23.46
C PHE B 75 32.24 -23.28 -23.27
N TRP B 76 31.22 -23.48 -24.11
CA TRP B 76 29.96 -22.77 -24.00
C TRP B 76 28.84 -23.77 -23.75
N ILE B 77 28.05 -23.50 -22.73
CA ILE B 77 27.03 -24.43 -22.24
C ILE B 77 25.67 -23.73 -22.24
N LYS B 78 24.66 -24.44 -22.73
CA LYS B 78 23.27 -23.98 -22.70
C LYS B 78 22.43 -25.07 -22.04
N ILE B 79 21.80 -24.71 -20.92
CA ILE B 79 21.04 -25.65 -20.09
C ILE B 79 19.60 -25.15 -20.02
N PRO B 80 18.61 -25.97 -20.35
CA PRO B 80 17.22 -25.52 -20.29
C PRO B 80 16.73 -25.28 -18.87
N LYS B 81 15.47 -24.86 -18.74
CA LYS B 81 14.88 -24.62 -17.43
C LYS B 81 14.49 -25.93 -16.77
N TYR B 82 14.68 -26.01 -15.46
CA TYR B 82 14.23 -27.15 -14.67
C TYR B 82 12.77 -26.92 -14.29
N PHE B 83 11.90 -27.82 -14.73
CA PHE B 83 10.47 -27.57 -14.69
C PHE B 83 9.78 -28.14 -13.45
N SER B 84 10.22 -29.31 -12.96
CA SER B 84 9.52 -29.95 -11.86
C SER B 84 10.45 -30.29 -10.71
N LYS B 85 9.94 -31.00 -9.71
CA LYS B 85 10.73 -31.39 -8.54
C LYS B 85 11.55 -32.64 -8.77
N ILE B 86 11.44 -33.26 -9.96
CA ILE B 86 12.30 -34.39 -10.28
C ILE B 86 13.75 -33.94 -10.37
N ASN B 87 13.98 -32.73 -10.84
CA ASN B 87 15.33 -32.23 -11.11
C ASN B 87 16.09 -31.82 -9.86
N LEU B 88 15.46 -31.82 -8.69
CA LEU B 88 16.12 -31.37 -7.47
C LEU B 88 17.02 -32.47 -6.91
N ASN B 89 18.19 -32.06 -6.41
CA ASN B 89 19.16 -32.96 -5.77
C ASN B 89 19.50 -34.14 -6.68
N ASN B 90 19.84 -33.82 -7.93
CA ASN B 90 20.06 -34.81 -8.97
C ASN B 90 21.32 -34.48 -9.77
N GLU B 91 22.44 -34.26 -9.07
CA GLU B 91 23.70 -33.96 -9.75
C GLU B 91 24.03 -35.04 -10.79
N TYR B 92 24.07 -34.63 -12.06
CA TYR B 92 24.39 -35.53 -13.16
C TYR B 92 25.61 -35.01 -13.90
N THR B 93 26.49 -35.92 -14.27
CA THR B 93 27.72 -35.57 -14.98
C THR B 93 27.43 -35.33 -16.46
N ILE B 94 28.05 -34.28 -17.01
CA ILE B 94 27.96 -34.01 -18.44
C ILE B 94 29.28 -34.21 -19.16
N ILE B 95 30.41 -33.89 -18.55
CA ILE B 95 31.72 -34.12 -19.14
C ILE B 95 32.55 -34.93 -18.14
N ASN B 96 33.20 -35.98 -18.62
CA ASN B 96 33.86 -36.95 -17.77
C ASN B 96 35.29 -37.19 -18.25
N CYS B 97 36.25 -37.17 -17.35
CA CYS B 97 37.62 -37.57 -17.67
C CYS B 97 38.23 -38.36 -16.52
N ILE B 98 37.45 -39.29 -15.95
CA ILE B 98 37.87 -40.05 -14.78
C ILE B 98 38.10 -41.50 -15.19
N GLU B 99 39.32 -41.99 -14.95
CA GLU B 99 39.65 -43.40 -15.09
C GLU B 99 40.27 -43.87 -13.78
N ASN B 100 39.78 -45.00 -13.28
CA ASN B 100 40.24 -45.56 -12.01
C ASN B 100 40.08 -44.56 -10.87
N ASN B 101 38.96 -43.83 -10.88
CA ASN B 101 38.59 -42.92 -9.80
C ASN B 101 39.62 -41.82 -9.59
N SER B 102 40.07 -41.21 -10.69
CA SER B 102 40.95 -40.06 -10.65
C SER B 102 40.82 -39.31 -11.95
N GLY B 103 40.63 -38.00 -11.87
CA GLY B 103 40.47 -37.18 -13.06
C GLY B 103 39.55 -36.00 -12.78
N TRP B 104 39.13 -35.34 -13.85
CA TRP B 104 38.30 -34.15 -13.72
C TRP B 104 36.95 -34.38 -14.39
N LYS B 105 35.91 -33.78 -13.80
CA LYS B 105 34.55 -33.95 -14.30
C LYS B 105 33.81 -32.63 -14.18
N VAL B 106 32.89 -32.41 -15.13
CA VAL B 106 31.98 -31.29 -15.11
C VAL B 106 30.57 -31.87 -15.03
N SER B 107 29.81 -31.42 -14.04
CA SER B 107 28.46 -31.91 -13.79
C SER B 107 27.51 -30.75 -13.59
N LEU B 108 26.22 -31.06 -13.63
CA LEU B 108 25.19 -30.04 -13.44
C LEU B 108 24.19 -30.51 -12.39
N ASN B 109 23.67 -29.55 -11.63
CA ASN B 109 22.60 -29.80 -10.69
C ASN B 109 21.57 -28.69 -10.83
N TYR B 110 20.52 -28.71 -10.01
CA TYR B 110 19.47 -27.72 -10.12
C TYR B 110 20.05 -26.33 -9.88
N GLY B 111 20.21 -25.57 -10.96
CA GLY B 111 20.82 -24.26 -10.88
C GLY B 111 22.28 -24.26 -10.46
N GLU B 112 23.04 -25.28 -10.84
CA GLU B 112 24.45 -25.34 -10.49
C GLU B 112 25.27 -25.96 -11.62
N ILE B 113 26.42 -25.35 -11.88
CA ILE B 113 27.48 -25.95 -12.69
C ILE B 113 28.63 -26.29 -11.75
N ILE B 114 29.04 -27.55 -11.73
CA ILE B 114 30.03 -28.04 -10.77
C ILE B 114 31.25 -28.56 -11.51
N TRP B 115 32.42 -28.14 -11.07
CA TRP B 115 33.70 -28.65 -11.55
C TRP B 115 34.34 -29.43 -10.42
N THR B 116 34.63 -30.71 -10.66
CA THR B 116 35.18 -31.59 -9.65
C THR B 116 36.51 -32.15 -10.14
N LEU B 117 37.48 -32.28 -9.24
CA LEU B 117 38.72 -32.97 -9.56
C LEU B 117 39.08 -33.94 -8.44
N GLN B 118 39.59 -35.11 -8.84
CA GLN B 118 39.91 -36.19 -7.93
C GLN B 118 41.31 -36.72 -8.22
N ASP B 119 42.05 -37.00 -7.16
CA ASP B 119 43.39 -37.56 -7.24
C ASP B 119 43.32 -39.08 -7.11
N ASN B 120 44.50 -39.70 -7.07
CA ASN B 120 44.57 -41.14 -6.86
C ASN B 120 44.28 -41.54 -5.42
N LYS B 121 44.25 -40.57 -4.50
CA LYS B 121 43.92 -40.81 -3.11
C LYS B 121 42.45 -40.55 -2.79
N GLN B 122 41.61 -40.42 -3.82
CA GLN B 122 40.17 -40.23 -3.66
C GLN B 122 39.83 -38.96 -2.89
N ASN B 123 40.59 -37.89 -3.10
CA ASN B 123 40.27 -36.59 -2.52
C ASN B 123 39.32 -35.84 -3.45
N ILE B 124 38.37 -35.14 -2.87
CA ILE B 124 37.34 -34.41 -3.62
C ILE B 124 37.62 -32.92 -3.48
N GLN B 125 37.67 -32.22 -4.61
CA GLN B 125 37.71 -30.77 -4.63
C GLN B 125 36.75 -30.27 -5.68
N ARG B 126 35.81 -29.41 -5.26
CA ARG B 126 34.68 -28.98 -6.08
C ARG B 126 34.61 -27.46 -6.09
N VAL B 127 34.31 -26.91 -7.27
CA VAL B 127 34.05 -25.49 -7.45
C VAL B 127 32.70 -25.35 -8.13
N VAL B 128 31.79 -24.60 -7.52
CA VAL B 128 30.40 -24.56 -7.95
C VAL B 128 30.01 -23.14 -8.30
N PHE B 129 29.37 -22.98 -9.45
CA PHE B 129 28.69 -21.74 -9.82
C PHE B 129 27.19 -21.98 -9.71
N LYS B 130 26.52 -21.18 -8.88
CA LYS B 130 25.10 -21.30 -8.64
C LYS B 130 24.37 -20.09 -9.21
N TYR B 131 23.31 -20.35 -9.97
CA TYR B 131 22.45 -19.29 -10.48
C TYR B 131 21.03 -19.55 -10.02
N SER B 132 20.35 -18.50 -9.57
CA SER B 132 19.00 -18.64 -9.07
C SER B 132 18.02 -18.83 -10.22
N GLN B 133 16.90 -19.48 -9.91
CA GLN B 133 15.85 -19.74 -10.88
C GLN B 133 14.57 -19.02 -10.53
N MET B 134 14.53 -18.28 -9.41
CA MET B 134 13.38 -17.51 -9.00
C MET B 134 13.48 -16.05 -9.43
N VAL B 135 14.48 -15.71 -10.25
CA VAL B 135 14.64 -14.34 -10.71
C VAL B 135 13.61 -14.00 -11.78
N ASN B 136 13.31 -12.70 -11.91
CA ASN B 136 12.37 -12.26 -12.92
C ASN B 136 12.90 -12.53 -14.32
N ILE B 137 14.12 -12.07 -14.61
CA ILE B 137 14.75 -12.30 -15.90
C ILE B 137 16.18 -12.75 -15.64
N SER B 138 16.51 -13.96 -16.04
CA SER B 138 17.79 -14.57 -15.74
C SER B 138 18.76 -14.43 -16.91
N ASP B 139 20.04 -14.33 -16.59
CA ASP B 139 21.10 -14.28 -17.58
C ASP B 139 21.70 -15.64 -17.86
N TYR B 140 21.17 -16.71 -17.25
CA TYR B 140 21.81 -18.00 -17.35
C TYR B 140 20.83 -19.11 -17.68
N ILE B 141 19.54 -18.90 -17.41
CA ILE B 141 18.54 -19.93 -17.69
C ILE B 141 18.30 -19.99 -19.18
N ASN B 142 18.63 -21.14 -19.79
CA ASN B 142 18.40 -21.39 -21.22
C ASN B 142 19.14 -20.40 -22.11
N ARG B 143 20.28 -19.90 -21.64
CA ARG B 143 21.09 -18.96 -22.41
C ARG B 143 22.52 -19.46 -22.44
N TRP B 144 23.24 -19.12 -23.50
CA TRP B 144 24.61 -19.61 -23.65
C TRP B 144 25.51 -18.96 -22.62
N ILE B 145 26.32 -19.79 -21.95
CA ILE B 145 27.23 -19.36 -20.90
C ILE B 145 28.63 -19.79 -21.30
N PHE B 146 29.58 -18.86 -21.23
CA PHE B 146 30.98 -19.18 -21.50
C PHE B 146 31.63 -19.57 -20.18
N VAL B 147 31.88 -20.86 -20.00
CA VAL B 147 32.44 -21.39 -18.76
C VAL B 147 33.88 -21.78 -19.04
N THR B 148 34.80 -21.25 -18.23
CA THR B 148 36.20 -21.63 -18.29
C THR B 148 36.75 -21.85 -16.89
N ILE B 149 37.45 -22.97 -16.73
CA ILE B 149 38.01 -23.39 -15.45
C ILE B 149 39.53 -23.41 -15.60
N THR B 150 40.23 -22.77 -14.66
CA THR B 150 41.68 -22.77 -14.65
C THR B 150 42.17 -23.41 -13.36
N ASN B 151 43.04 -24.41 -13.46
CA ASN B 151 43.53 -25.14 -12.30
C ASN B 151 45.00 -24.83 -12.11
N ASN B 152 45.35 -24.28 -10.96
CA ASN B 152 46.73 -24.04 -10.58
C ASN B 152 47.09 -25.03 -9.48
N ARG B 153 47.88 -26.05 -9.84
CA ARG B 153 48.22 -27.10 -8.89
C ARG B 153 49.05 -26.60 -7.72
N LEU B 154 49.59 -25.39 -7.80
CA LEU B 154 50.35 -24.82 -6.70
C LEU B 154 49.49 -24.00 -5.75
N THR B 155 48.53 -23.24 -6.27
CA THR B 155 47.75 -22.32 -5.44
C THR B 155 46.29 -22.72 -5.33
N LYS B 156 45.55 -22.78 -6.44
CA LYS B 156 44.10 -23.01 -6.36
C LYS B 156 43.43 -23.14 -7.72
N SER B 157 42.14 -23.50 -7.71
CA SER B 157 41.35 -23.72 -8.92
C SER B 157 40.20 -22.72 -8.97
N LYS B 158 39.97 -22.16 -10.15
CA LYS B 158 39.06 -21.04 -10.34
C LYS B 158 38.07 -21.33 -11.45
N ILE B 159 36.82 -20.89 -11.23
CA ILE B 159 35.74 -20.96 -12.20
C ILE B 159 35.51 -19.55 -12.73
N TYR B 160 35.18 -19.45 -14.01
CA TYR B 160 34.92 -18.19 -14.68
C TYR B 160 33.70 -18.37 -15.57
N ILE B 161 32.73 -17.48 -15.45
CA ILE B 161 31.61 -17.42 -16.39
C ILE B 161 31.62 -16.06 -17.06
N ASN B 162 31.61 -16.06 -18.40
CA ASN B 162 31.62 -14.82 -19.18
C ASN B 162 32.81 -13.94 -18.81
N GLY B 163 33.94 -14.57 -18.50
CA GLY B 163 35.15 -13.84 -18.17
C GLY B 163 35.25 -13.32 -16.77
N ARG B 164 34.29 -13.62 -15.89
CA ARG B 164 34.29 -13.11 -14.53
C ARG B 164 34.48 -14.24 -13.53
N LEU B 165 35.26 -13.98 -12.50
CA LEU B 165 35.53 -14.94 -11.44
C LEU B 165 34.33 -15.03 -10.49
N ILE B 166 33.92 -16.26 -10.19
CA ILE B 166 32.81 -16.53 -9.30
C ILE B 166 33.27 -17.20 -8.00
N ASP B 167 33.83 -18.40 -8.12
CA ASP B 167 34.36 -19.11 -6.98
C ASP B 167 35.80 -19.50 -7.24
N GLN B 168 36.52 -19.81 -6.16
CA GLN B 168 37.88 -20.30 -6.23
C GLN B 168 38.14 -21.11 -4.97
N LYS B 169 38.84 -22.24 -5.12
CA LYS B 169 39.10 -23.09 -3.98
C LYS B 169 40.54 -23.59 -4.00
N PRO B 170 41.21 -23.63 -2.86
CA PRO B 170 42.59 -24.13 -2.84
C PRO B 170 42.64 -25.62 -3.14
N ILE B 171 43.63 -26.00 -3.94
CA ILE B 171 43.76 -27.40 -4.37
C ILE B 171 45.16 -27.90 -4.05
N SER B 172 45.80 -27.30 -3.04
CA SER B 172 47.13 -27.72 -2.63
C SER B 172 47.12 -29.12 -2.01
N ASN B 173 45.97 -29.57 -1.51
CA ASN B 173 45.93 -30.86 -0.82
C ASN B 173 46.15 -32.03 -1.77
N LEU B 174 45.52 -32.02 -2.94
CA LEU B 174 45.65 -33.13 -3.88
C LEU B 174 47.06 -33.19 -4.43
N GLY B 175 47.60 -34.40 -4.53
CA GLY B 175 48.98 -34.59 -4.92
C GLY B 175 49.20 -34.98 -6.37
N ASN B 176 48.44 -35.97 -6.86
CA ASN B 176 48.65 -36.47 -8.21
C ASN B 176 47.31 -36.86 -8.82
N ILE B 177 47.04 -36.35 -10.01
CA ILE B 177 45.83 -36.66 -10.76
C ILE B 177 46.23 -37.42 -12.02
N HIS B 178 45.62 -38.58 -12.23
CA HIS B 178 45.83 -39.39 -13.44
C HIS B 178 44.51 -39.39 -14.20
N ALA B 179 44.31 -38.39 -15.05
CA ALA B 179 43.10 -38.31 -15.84
C ALA B 179 43.11 -39.37 -16.93
N SER B 180 41.91 -39.70 -17.42
CA SER B 180 41.75 -40.71 -18.44
C SER B 180 42.36 -40.25 -19.75
N ASN B 181 42.80 -41.23 -20.56
CA ASN B 181 43.16 -40.94 -21.94
C ASN B 181 41.94 -40.58 -22.78
N LYS B 182 40.75 -40.79 -22.23
CA LYS B 182 39.50 -40.76 -22.98
C LYS B 182 38.53 -39.84 -22.26
N ILE B 183 37.89 -38.94 -23.00
CA ILE B 183 36.96 -37.96 -22.43
C ILE B 183 35.56 -38.25 -22.95
N MET B 184 34.58 -38.11 -22.07
CA MET B 184 33.20 -38.51 -22.31
C MET B 184 32.30 -37.29 -22.31
N PHE B 185 31.47 -37.14 -23.35
CA PHE B 185 30.45 -36.10 -23.41
C PHE B 185 29.11 -36.81 -23.52
N LYS B 186 28.41 -36.92 -22.38
CA LYS B 186 27.13 -37.62 -22.30
C LYS B 186 26.53 -37.39 -20.94
N LEU B 187 25.21 -37.20 -20.89
CA LEU B 187 24.51 -37.10 -19.62
C LEU B 187 24.57 -38.43 -18.88
N ASP B 188 24.90 -38.38 -17.59
CA ASP B 188 25.07 -39.60 -16.80
C ASP B 188 24.54 -39.36 -15.40
N GLY B 189 23.53 -40.11 -15.01
CA GLY B 189 22.96 -39.99 -13.68
C GLY B 189 21.74 -39.11 -13.55
N CYS B 190 21.07 -38.80 -14.65
CA CYS B 190 19.89 -37.94 -14.65
C CYS B 190 18.65 -38.81 -14.79
N ARG B 191 17.72 -38.68 -13.84
CA ARG B 191 16.50 -39.46 -13.88
C ARG B 191 15.40 -38.81 -14.72
N ASP B 192 15.60 -37.58 -15.17
CA ASP B 192 14.64 -36.93 -16.04
C ASP B 192 14.81 -37.45 -17.46
N PRO B 193 13.80 -38.10 -18.06
CA PRO B 193 13.96 -38.62 -19.42
C PRO B 193 13.91 -37.56 -20.51
N ARG B 194 13.54 -36.32 -20.18
CA ARG B 194 13.42 -35.24 -21.14
C ARG B 194 14.42 -34.12 -20.84
N ARG B 195 15.65 -34.49 -20.49
CA ARG B 195 16.69 -33.53 -20.12
C ARG B 195 17.80 -33.58 -21.16
N TYR B 196 18.28 -32.41 -21.55
CA TYR B 196 19.33 -32.31 -22.56
C TYR B 196 20.18 -31.07 -22.27
N ILE B 197 21.34 -31.02 -22.90
CA ILE B 197 22.23 -29.87 -22.82
C ILE B 197 22.75 -29.54 -24.22
N MET B 198 23.30 -28.34 -24.37
CA MET B 198 24.00 -27.95 -25.59
C MET B 198 25.39 -27.46 -25.23
N ILE B 199 26.39 -27.93 -25.97
CA ILE B 199 27.77 -27.52 -25.74
C ILE B 199 28.35 -27.05 -27.07
N LYS B 200 29.36 -26.19 -26.97
CA LYS B 200 30.11 -25.79 -28.16
C LYS B 200 31.47 -25.24 -27.76
N TYR B 201 32.39 -25.31 -28.71
CA TYR B 201 33.70 -24.66 -28.60
C TYR B 201 34.46 -25.15 -27.38
N PHE B 202 34.74 -26.44 -27.35
CA PHE B 202 35.43 -27.09 -26.24
C PHE B 202 36.93 -27.03 -26.47
N ASN B 203 37.66 -26.36 -25.58
CA ASN B 203 39.09 -26.18 -25.71
C ASN B 203 39.80 -26.56 -24.42
N LEU B 204 40.99 -27.14 -24.57
CA LEU B 204 41.89 -27.48 -23.47
C LEU B 204 43.19 -26.69 -23.60
N PHE B 205 43.79 -26.37 -22.46
CA PHE B 205 45.07 -25.68 -22.41
C PHE B 205 45.94 -26.28 -21.32
N ASP B 206 47.25 -26.25 -21.55
CA ASP B 206 48.22 -26.82 -20.61
C ASP B 206 48.80 -25.77 -19.67
N LYS B 207 48.11 -24.64 -19.50
CA LYS B 207 48.56 -23.62 -18.57
C LYS B 207 47.33 -22.95 -17.97
N GLU B 208 47.49 -22.43 -16.76
CA GLU B 208 46.42 -21.66 -16.13
C GLU B 208 46.30 -20.31 -16.82
N LEU B 209 45.16 -20.07 -17.45
CA LEU B 209 44.94 -18.82 -18.14
C LEU B 209 44.64 -17.70 -17.17
N ASN B 210 45.24 -16.54 -17.40
CA ASN B 210 44.95 -15.37 -16.59
C ASN B 210 43.72 -14.65 -17.12
N GLU B 211 43.34 -13.56 -16.46
CA GLU B 211 42.11 -12.86 -16.83
C GLU B 211 42.21 -12.27 -18.23
N LYS B 212 43.40 -11.79 -18.61
CA LYS B 212 43.58 -11.20 -19.94
C LYS B 212 43.30 -12.22 -21.04
N GLU B 213 43.92 -13.40 -20.95
CA GLU B 213 43.73 -14.42 -21.98
C GLU B 213 42.30 -14.93 -21.99
N ILE B 214 41.69 -15.06 -20.81
CA ILE B 214 40.31 -15.53 -20.74
C ILE B 214 39.36 -14.53 -21.40
N LYS B 215 39.55 -13.24 -21.12
CA LYS B 215 38.71 -12.23 -21.77
C LYS B 215 38.95 -12.21 -23.27
N ASP B 216 40.22 -12.36 -23.70
CA ASP B 216 40.52 -12.40 -25.13
C ASP B 216 39.80 -13.56 -25.80
N LEU B 217 39.85 -14.74 -25.17
CA LEU B 217 39.17 -15.91 -25.73
C LEU B 217 37.66 -15.72 -25.75
N TYR B 218 37.10 -15.14 -24.69
CA TYR B 218 35.67 -14.92 -24.62
C TYR B 218 35.20 -13.99 -25.73
N ASP B 219 35.95 -12.92 -25.99
CA ASP B 219 35.58 -12.00 -27.06
C ASP B 219 35.83 -12.59 -28.43
N SER B 220 36.90 -13.37 -28.60
CA SER B 220 37.19 -13.98 -29.89
C SER B 220 36.12 -15.00 -30.27
N GLN B 221 35.62 -15.77 -29.31
CA GLN B 221 34.60 -16.77 -29.58
C GLN B 221 33.19 -16.21 -29.57
N SER B 222 33.01 -14.94 -29.20
CA SER B 222 31.67 -14.37 -29.12
C SER B 222 31.08 -14.03 -30.48
N ASN B 223 31.90 -13.95 -31.52
CA ASN B 223 31.47 -13.54 -32.85
C ASN B 223 30.73 -12.21 -32.79
N SER B 224 31.47 -11.17 -32.39
CA SER B 224 30.90 -9.86 -32.19
C SER B 224 30.35 -9.25 -33.47
N GLY B 225 30.76 -9.75 -34.63
CA GLY B 225 30.26 -9.24 -35.89
C GLY B 225 28.89 -9.73 -36.28
N ILE B 226 28.28 -10.58 -35.47
CA ILE B 226 26.96 -11.14 -35.73
C ILE B 226 26.06 -10.86 -34.54
N LEU B 227 24.84 -10.41 -34.82
CA LEU B 227 23.88 -10.13 -33.76
C LEU B 227 23.40 -11.41 -33.12
N LYS B 228 23.06 -11.34 -31.84
CA LYS B 228 22.59 -12.49 -31.08
C LYS B 228 21.22 -12.16 -30.48
N ASP B 229 20.36 -13.16 -30.40
CA ASP B 229 19.04 -12.98 -29.81
C ASP B 229 19.12 -13.20 -28.30
N PHE B 230 17.97 -13.32 -27.63
CA PHE B 230 17.95 -13.46 -26.18
C PHE B 230 18.68 -14.72 -25.73
N TRP B 231 18.45 -15.84 -26.42
CA TRP B 231 19.04 -17.10 -26.02
C TRP B 231 20.51 -17.21 -26.39
N GLY B 232 21.05 -16.25 -27.14
CA GLY B 232 22.44 -16.27 -27.53
C GLY B 232 22.73 -16.86 -28.88
N ASN B 233 21.70 -17.25 -29.63
CA ASN B 233 21.86 -17.81 -30.96
C ASN B 233 21.96 -16.69 -31.99
N TYR B 234 22.11 -17.07 -33.26
CA TYR B 234 22.18 -16.07 -34.32
C TYR B 234 20.81 -15.44 -34.54
N LEU B 235 20.82 -14.14 -34.80
CA LEU B 235 19.60 -13.42 -35.14
C LEU B 235 19.28 -13.63 -36.62
N GLN B 236 18.01 -13.88 -36.92
CA GLN B 236 17.61 -14.35 -38.24
C GLN B 236 16.51 -13.48 -38.82
N TYR B 237 16.57 -13.31 -40.14
CA TYR B 237 15.50 -12.63 -40.86
C TYR B 237 14.25 -13.51 -40.90
N ASP B 238 13.10 -12.85 -41.06
CA ASP B 238 11.82 -13.53 -41.26
C ASP B 238 11.49 -14.46 -40.10
N LYS B 239 11.76 -14.00 -38.89
CA LYS B 239 11.49 -14.78 -37.68
C LYS B 239 10.84 -13.85 -36.65
N PRO B 240 9.68 -14.20 -36.12
CA PRO B 240 9.03 -13.34 -35.13
C PRO B 240 9.81 -13.33 -33.82
N TYR B 241 10.01 -12.14 -33.26
CA TYR B 241 10.75 -11.95 -32.04
C TYR B 241 9.94 -11.09 -31.09
N TYR B 242 9.84 -11.51 -29.82
CA TYR B 242 9.33 -10.63 -28.79
C TYR B 242 10.42 -9.67 -28.35
N MET B 243 10.03 -8.47 -27.95
CA MET B 243 10.98 -7.39 -27.69
C MET B 243 11.11 -7.14 -26.19
N LEU B 244 12.36 -7.06 -25.72
CA LEU B 244 12.63 -6.74 -24.32
C LEU B 244 13.60 -5.57 -24.26
N ASN B 245 13.23 -4.52 -23.51
CA ASN B 245 14.10 -3.37 -23.32
C ASN B 245 14.91 -3.58 -22.05
N LEU B 246 16.23 -3.52 -22.16
CA LEU B 246 17.09 -3.93 -21.07
C LEU B 246 17.03 -2.95 -19.90
N PHE B 247 16.87 -1.65 -20.20
CA PHE B 247 16.80 -0.66 -19.14
C PHE B 247 15.47 -0.74 -18.41
N ASP B 248 14.41 -1.15 -19.09
CA ASP B 248 13.07 -1.24 -18.53
C ASP B 248 12.51 -2.61 -18.84
N PRO B 249 12.99 -3.65 -18.16
CA PRO B 249 12.62 -5.02 -18.56
C PRO B 249 11.33 -5.53 -17.96
N ASN B 250 10.51 -4.67 -17.38
CA ASN B 250 9.25 -5.08 -16.77
C ASN B 250 8.04 -4.72 -17.62
N LYS B 251 8.24 -4.16 -18.81
CA LYS B 251 7.15 -3.86 -19.73
C LYS B 251 7.51 -4.30 -21.13
N TYR B 252 6.49 -4.54 -21.94
CA TYR B 252 6.61 -5.12 -23.26
C TYR B 252 6.05 -4.16 -24.31
N VAL B 253 6.55 -4.30 -25.54
CA VAL B 253 6.14 -3.41 -26.62
C VAL B 253 4.70 -3.71 -27.01
N ASP B 254 3.88 -2.67 -27.11
CA ASP B 254 2.48 -2.79 -27.46
C ASP B 254 2.11 -1.64 -28.39
N VAL B 255 0.96 -1.78 -29.05
CA VAL B 255 0.40 -0.74 -29.90
C VAL B 255 -1.04 -0.51 -29.49
N ASN B 256 -1.55 0.66 -29.84
CA ASN B 256 -2.96 0.94 -29.59
C ASN B 256 -3.75 1.18 -30.88
N ASN B 257 -3.15 1.87 -31.85
CA ASN B 257 -3.79 2.13 -33.13
C ASN B 257 -2.81 1.82 -34.25
N ILE B 258 -3.32 1.85 -35.48
CA ILE B 258 -2.52 1.62 -36.67
C ILE B 258 -2.60 2.87 -37.53
N GLY B 259 -1.45 3.47 -37.80
CA GLY B 259 -1.38 4.65 -38.65
C GLY B 259 -0.43 5.67 -38.06
N ILE B 260 -0.36 6.83 -38.72
CA ILE B 260 0.53 7.89 -38.27
C ILE B 260 0.04 8.45 -36.94
N ARG B 261 -1.28 8.54 -36.76
CA ARG B 261 -1.82 9.00 -35.48
C ARG B 261 -1.50 7.99 -34.38
N GLY B 262 -1.52 6.70 -34.69
CA GLY B 262 -1.21 5.70 -33.70
C GLY B 262 0.27 5.66 -33.35
N TYR B 263 0.56 5.00 -32.25
CA TYR B 263 1.92 4.89 -31.74
C TYR B 263 2.09 3.57 -31.03
N MET B 264 3.34 3.19 -30.79
CA MET B 264 3.67 2.04 -29.98
C MET B 264 4.37 2.49 -28.71
N TYR B 265 4.14 1.76 -27.62
CA TYR B 265 4.63 2.13 -26.32
C TYR B 265 5.07 0.88 -25.56
N LEU B 266 5.46 1.08 -24.30
CA LEU B 266 5.83 0.00 -23.40
C LEU B 266 4.74 -0.14 -22.35
N LYS B 267 4.01 -1.24 -22.40
CA LYS B 267 2.93 -1.52 -21.46
C LYS B 267 3.37 -2.56 -20.45
N GLY B 268 3.00 -2.35 -19.18
CA GLY B 268 3.39 -3.25 -18.13
C GLY B 268 2.34 -3.39 -17.05
N PRO B 269 2.64 -4.16 -16.01
CA PRO B 269 3.85 -4.97 -15.82
C PRO B 269 3.76 -6.33 -16.51
N ARG B 270 4.88 -7.05 -16.62
CA ARG B 270 4.87 -8.37 -17.21
C ARG B 270 4.18 -9.37 -16.29
N GLY B 271 3.71 -10.47 -16.88
CA GLY B 271 3.14 -11.56 -16.13
C GLY B 271 4.21 -12.42 -15.50
N SER B 272 3.82 -13.62 -15.09
CA SER B 272 4.77 -14.54 -14.46
C SER B 272 4.39 -15.97 -14.77
N VAL B 273 5.42 -16.81 -14.93
CA VAL B 273 5.27 -18.26 -15.06
C VAL B 273 5.85 -18.88 -13.79
N VAL B 274 5.02 -19.64 -13.08
CA VAL B 274 5.35 -20.12 -11.75
C VAL B 274 5.13 -21.62 -11.67
N THR B 275 6.13 -22.33 -11.18
CA THR B 275 5.96 -23.68 -10.63
C THR B 275 6.48 -23.60 -9.20
N THR B 276 5.60 -23.92 -8.25
CA THR B 276 5.83 -23.56 -6.86
C THR B 276 7.13 -24.17 -6.34
N ASN B 277 7.95 -23.32 -5.72
CA ASN B 277 9.24 -23.70 -5.15
C ASN B 277 10.22 -24.22 -6.19
N ILE B 278 9.96 -23.96 -7.47
CA ILE B 278 10.87 -24.37 -8.53
C ILE B 278 11.29 -23.15 -9.34
N TYR B 279 10.31 -22.41 -9.87
CA TYR B 279 10.66 -21.19 -10.60
C TYR B 279 9.50 -20.20 -10.55
N LEU B 280 9.85 -18.92 -10.56
CA LEU B 280 8.89 -17.82 -10.51
C LEU B 280 9.26 -16.77 -11.55
N ASN B 281 9.50 -17.22 -12.78
CA ASN B 281 10.08 -16.33 -13.78
C ASN B 281 9.03 -15.37 -14.32
N SER B 282 9.49 -14.39 -15.08
CA SER B 282 8.62 -13.42 -15.74
C SER B 282 8.32 -13.89 -17.15
N THR B 283 7.11 -13.63 -17.62
CA THR B 283 6.72 -14.07 -18.95
C THR B 283 7.48 -13.31 -20.02
N LEU B 284 8.02 -14.04 -20.99
CA LEU B 284 8.79 -13.47 -22.08
C LEU B 284 8.04 -13.45 -23.40
N TYR B 285 6.86 -14.05 -23.47
CA TYR B 285 6.08 -14.14 -24.70
C TYR B 285 4.93 -13.14 -24.69
N GLU B 286 5.19 -11.95 -24.15
CA GLU B 286 4.20 -10.88 -24.09
C GLU B 286 4.62 -9.76 -25.02
N GLY B 287 3.64 -9.15 -25.67
CA GLY B 287 3.86 -8.00 -26.52
C GLY B 287 3.57 -8.28 -27.98
N THR B 288 4.22 -7.52 -28.83
CA THR B 288 4.07 -7.63 -30.28
C THR B 288 5.38 -8.09 -30.90
N LYS B 289 5.29 -9.02 -31.85
CA LYS B 289 6.47 -9.59 -32.46
C LYS B 289 7.10 -8.64 -33.47
N PHE B 290 8.43 -8.69 -33.57
CA PHE B 290 9.21 -7.87 -34.48
C PHE B 290 9.89 -8.77 -35.49
N ILE B 291 9.40 -8.78 -36.72
CA ILE B 291 10.06 -9.50 -37.80
C ILE B 291 11.08 -8.58 -38.47
N ILE B 292 12.19 -9.16 -38.92
CA ILE B 292 13.27 -8.42 -39.55
C ILE B 292 13.36 -8.87 -41.00
N LYS B 293 13.34 -7.91 -41.93
CA LYS B 293 13.34 -8.21 -43.35
C LYS B 293 14.57 -7.59 -44.01
N LYS B 294 15.17 -8.33 -44.95
CA LYS B 294 16.34 -7.84 -45.66
C LYS B 294 15.98 -6.65 -46.53
N TYR B 295 16.87 -5.67 -46.55
CA TYR B 295 16.74 -4.52 -47.46
C TYR B 295 17.92 -4.40 -48.40
N ALA B 296 19.16 -4.51 -47.89
CA ALA B 296 20.34 -4.47 -48.75
C ALA B 296 21.39 -5.49 -48.34
N SER B 297 21.00 -6.60 -47.73
CA SER B 297 21.95 -7.60 -47.28
C SER B 297 22.52 -8.36 -48.48
N GLY B 298 23.83 -8.28 -48.65
CA GLY B 298 24.49 -9.02 -49.72
C GLY B 298 24.81 -10.46 -49.40
N ASN B 299 24.68 -10.86 -48.13
CA ASN B 299 24.93 -12.24 -47.75
C ASN B 299 23.73 -13.11 -48.08
N GLU B 300 24.01 -14.35 -48.49
CA GLU B 300 22.95 -15.27 -48.90
C GLU B 300 22.18 -15.84 -47.72
N ASP B 301 22.81 -15.94 -46.56
CA ASP B 301 22.17 -16.56 -45.41
C ASP B 301 21.15 -15.62 -44.79
N ASN B 302 20.39 -16.16 -43.83
CA ASN B 302 19.38 -15.39 -43.12
C ASN B 302 19.91 -14.78 -41.83
N ILE B 303 21.21 -14.84 -41.60
CA ILE B 303 21.80 -14.32 -40.37
C ILE B 303 21.96 -12.81 -40.48
N VAL B 304 21.50 -12.09 -39.46
CA VAL B 304 21.62 -10.64 -39.40
C VAL B 304 22.99 -10.29 -38.82
N ARG B 305 23.81 -9.61 -39.62
CA ARG B 305 25.16 -9.23 -39.22
C ARG B 305 25.21 -7.75 -38.88
N ASN B 306 26.42 -7.30 -38.52
CA ASN B 306 26.61 -5.91 -38.11
C ASN B 306 26.49 -4.98 -39.30
N ASN B 307 26.00 -3.76 -39.02
CA ASN B 307 25.87 -2.70 -40.03
C ASN B 307 24.99 -3.15 -41.20
N ASP B 308 23.94 -3.91 -40.90
CA ASP B 308 22.98 -4.34 -41.91
C ASP B 308 21.78 -3.42 -41.88
N ARG B 309 21.36 -2.97 -43.06
CA ARG B 309 20.19 -2.10 -43.19
C ARG B 309 18.98 -2.95 -43.55
N VAL B 310 17.98 -2.93 -42.67
CA VAL B 310 16.86 -3.86 -42.72
C VAL B 310 15.56 -3.08 -42.57
N TYR B 311 14.44 -3.79 -42.74
CA TYR B 311 13.11 -3.32 -42.41
C TYR B 311 12.61 -4.05 -41.18
N ILE B 312 11.73 -3.40 -40.43
CA ILE B 312 11.13 -3.97 -39.23
C ILE B 312 9.62 -4.05 -39.46
N ASN B 313 9.06 -5.24 -39.25
CA ASN B 313 7.63 -5.47 -39.33
C ASN B 313 7.11 -5.75 -37.94
N VAL B 314 5.99 -5.12 -37.58
CA VAL B 314 5.36 -5.32 -36.28
C VAL B 314 4.12 -6.18 -36.48
N VAL B 315 4.07 -7.32 -35.81
CA VAL B 315 2.97 -8.25 -35.94
C VAL B 315 1.88 -7.83 -34.97
N VAL B 316 0.77 -7.31 -35.51
CA VAL B 316 -0.36 -6.85 -34.72
C VAL B 316 -1.59 -7.60 -35.21
N LYS B 317 -2.25 -8.32 -34.29
CA LYS B 317 -3.45 -9.09 -34.61
C LYS B 317 -3.22 -10.03 -35.79
N ASN B 318 -2.08 -10.72 -35.76
CA ASN B 318 -1.69 -11.66 -36.82
C ASN B 318 -1.65 -10.97 -38.18
N LYS B 319 -1.21 -9.71 -38.19
CA LYS B 319 -1.03 -8.95 -39.41
C LYS B 319 0.28 -8.17 -39.33
N GLU B 320 1.00 -8.13 -40.44
CA GLU B 320 2.32 -7.50 -40.47
C GLU B 320 2.20 -6.04 -40.88
N TYR B 321 2.97 -5.19 -40.22
CA TYR B 321 3.00 -3.76 -40.50
C TYR B 321 4.44 -3.31 -40.68
N ARG B 322 4.69 -2.01 -40.70
CA ARG B 322 6.03 -1.48 -40.90
C ARG B 322 6.36 -0.45 -39.83
N LEU B 323 7.59 -0.50 -39.33
CA LEU B 323 8.08 0.43 -38.33
C LEU B 323 8.65 1.66 -39.04
N ALA B 324 8.04 2.82 -38.81
CA ALA B 324 8.51 4.03 -39.46
C ALA B 324 8.15 5.25 -38.63
N THR B 325 8.85 6.35 -38.93
CA THR B 325 8.61 7.63 -38.28
C THR B 325 8.55 8.72 -39.33
N ASN B 326 8.06 9.88 -38.92
CA ASN B 326 8.14 11.10 -39.71
C ASN B 326 9.30 11.92 -39.17
N ALA B 327 10.33 12.12 -40.00
CA ALA B 327 11.54 12.78 -39.53
C ALA B 327 11.27 14.22 -39.13
N SER B 328 10.44 14.93 -39.88
CA SER B 328 10.13 16.33 -39.61
C SER B 328 9.01 16.40 -38.58
N GLN B 329 9.37 16.59 -37.32
CA GLN B 329 8.38 16.79 -36.26
C GLN B 329 9.05 17.52 -35.11
N ALA B 330 8.23 17.92 -34.15
CA ALA B 330 8.73 18.68 -33.00
C ALA B 330 9.61 17.80 -32.11
N GLY B 331 10.62 18.41 -31.51
CA GLY B 331 11.50 17.71 -30.59
C GLY B 331 12.63 16.98 -31.29
N VAL B 332 13.62 16.62 -30.48
CA VAL B 332 14.74 15.82 -30.97
C VAL B 332 14.31 14.39 -31.28
N GLU B 333 13.43 13.84 -30.46
CA GLU B 333 12.98 12.46 -30.59
C GLU B 333 11.86 12.34 -31.61
N LYS B 334 11.88 11.26 -32.37
CA LYS B 334 10.88 11.00 -33.40
C LYS B 334 10.06 9.78 -32.98
N ILE B 335 8.74 9.94 -32.93
CA ILE B 335 7.87 8.91 -32.38
C ILE B 335 7.74 7.76 -33.37
N LEU B 336 8.01 6.54 -32.90
CA LEU B 336 7.87 5.35 -33.73
C LEU B 336 6.39 5.04 -33.96
N SER B 337 6.08 4.58 -35.17
CA SER B 337 4.71 4.25 -35.52
C SER B 337 4.68 3.02 -36.41
N ALA B 338 3.54 2.33 -36.38
CA ALA B 338 3.32 1.12 -37.18
C ALA B 338 2.34 1.43 -38.29
N LEU B 339 2.83 1.45 -39.53
CA LEU B 339 2.05 1.83 -40.70
C LEU B 339 1.76 0.60 -41.56
N GLU B 340 0.83 0.76 -42.49
CA GLU B 340 0.60 -0.27 -43.49
C GLU B 340 1.82 -0.36 -44.41
N ILE B 341 2.17 -1.60 -44.78
CA ILE B 341 3.37 -1.80 -45.59
C ILE B 341 3.30 -1.06 -46.93
N PRO B 342 2.21 -1.12 -47.71
CA PRO B 342 2.16 -0.35 -48.95
C PRO B 342 1.79 1.12 -48.76
N ASP B 343 1.61 1.58 -47.52
CA ASP B 343 1.21 2.95 -47.24
C ASP B 343 2.26 3.66 -46.39
N VAL B 344 3.52 3.30 -46.58
CA VAL B 344 4.59 3.94 -45.82
C VAL B 344 5.13 5.18 -46.54
N GLY B 345 5.00 5.24 -47.86
CA GLY B 345 5.45 6.40 -48.60
C GLY B 345 6.95 6.59 -48.48
N ASN B 346 7.35 7.80 -48.07
CA ASN B 346 8.75 8.13 -47.90
C ASN B 346 9.14 8.23 -46.43
N LEU B 347 8.32 7.69 -45.53
CA LEU B 347 8.64 7.74 -44.11
C LEU B 347 9.89 6.93 -43.81
N SER B 348 10.67 7.39 -42.83
CA SER B 348 11.93 6.75 -42.49
C SER B 348 11.68 5.38 -41.88
N GLN B 349 12.17 4.34 -42.54
CA GLN B 349 11.93 2.96 -42.13
C GLN B 349 13.18 2.10 -42.09
N VAL B 350 14.24 2.45 -42.80
CA VAL B 350 15.45 1.62 -42.81
C VAL B 350 16.10 1.68 -41.44
N VAL B 351 16.50 0.52 -40.92
CA VAL B 351 17.15 0.42 -39.63
C VAL B 351 18.51 -0.23 -39.82
N VAL B 352 19.55 0.44 -39.34
CA VAL B 352 20.89 -0.13 -39.28
C VAL B 352 21.03 -0.88 -37.97
N MET B 353 21.35 -2.16 -38.05
CA MET B 353 21.47 -3.00 -36.87
C MET B 353 22.92 -3.00 -36.39
N LYS B 354 23.12 -2.63 -35.13
CA LYS B 354 24.45 -2.49 -34.55
C LYS B 354 24.65 -3.54 -33.46
N SER B 355 25.80 -4.19 -33.48
CA SER B 355 26.17 -5.20 -32.50
C SER B 355 27.37 -4.81 -31.66
N LYS B 356 28.19 -3.87 -32.12
CA LYS B 356 29.36 -3.41 -31.36
C LYS B 356 29.45 -1.89 -31.46
N ASP B 357 30.28 -1.33 -30.58
CA ASP B 357 30.46 0.12 -30.51
C ASP B 357 31.44 0.57 -31.59
N ASP B 358 31.78 1.85 -31.58
CA ASP B 358 32.73 2.39 -32.55
C ASP B 358 34.12 1.79 -32.37
N GLN B 359 34.56 1.63 -31.12
CA GLN B 359 35.86 1.06 -30.84
C GLN B 359 35.91 -0.44 -31.08
N GLY B 360 34.76 -1.09 -31.29
CA GLY B 360 34.71 -2.51 -31.47
C GLY B 360 34.30 -3.31 -30.24
N ILE B 361 33.93 -2.63 -29.15
CA ILE B 361 33.53 -3.32 -27.93
C ILE B 361 32.14 -3.92 -28.13
N ARG B 362 32.01 -5.21 -27.89
CA ARG B 362 30.74 -5.89 -28.07
C ARG B 362 29.72 -5.43 -27.02
N ASN B 363 28.50 -5.15 -27.48
CA ASN B 363 27.40 -4.79 -26.60
C ASN B 363 26.15 -5.47 -27.12
N LYS B 364 24.99 -5.06 -26.61
CA LYS B 364 23.74 -5.68 -26.98
C LYS B 364 23.26 -5.16 -28.33
N CYS B 365 22.06 -5.58 -28.72
CA CYS B 365 21.50 -5.21 -30.02
C CYS B 365 21.02 -3.77 -30.00
N LYS B 366 21.39 -3.01 -31.03
CA LYS B 366 20.97 -1.62 -31.17
C LYS B 366 20.38 -1.40 -32.55
N MET B 367 19.39 -0.54 -32.63
CA MET B 367 18.73 -0.19 -33.89
C MET B 367 18.92 1.30 -34.14
N ASN B 368 19.35 1.65 -35.34
CA ASN B 368 19.62 3.04 -35.71
C ASN B 368 18.73 3.38 -36.90
N LEU B 369 17.70 4.20 -36.66
CA LEU B 369 16.78 4.56 -37.73
C LEU B 369 17.45 5.55 -38.67
N GLN B 370 17.33 5.29 -39.98
CA GLN B 370 17.95 6.12 -41.00
C GLN B 370 16.92 6.47 -42.05
N ASP B 371 17.12 7.61 -42.71
CA ASP B 371 16.25 8.05 -43.78
C ASP B 371 16.83 7.61 -45.12
N ASN B 372 16.19 8.01 -46.22
CA ASN B 372 16.65 7.66 -47.55
C ASN B 372 17.91 8.41 -47.95
N ASN B 373 18.32 9.44 -47.21
CA ASN B 373 19.54 10.16 -47.46
C ASN B 373 20.71 9.65 -46.62
N GLY B 374 20.51 8.55 -45.90
CA GLY B 374 21.55 8.02 -45.03
C GLY B 374 21.88 8.92 -43.86
N ASN B 375 20.87 9.58 -43.29
CA ASN B 375 21.04 10.48 -42.16
C ASN B 375 20.54 9.81 -40.90
N ASP B 376 21.36 9.84 -39.85
CA ASP B 376 21.05 9.18 -38.59
C ASP B 376 19.95 9.95 -37.88
N ILE B 377 18.72 9.45 -37.97
CA ILE B 377 17.65 10.00 -37.14
C ILE B 377 17.93 9.71 -35.68
N GLY B 378 18.46 8.54 -35.38
CA GLY B 378 18.94 8.26 -34.05
C GLY B 378 18.73 6.81 -33.67
N PHE B 379 19.11 6.50 -32.43
CA PHE B 379 18.95 5.15 -31.91
C PHE B 379 17.54 4.97 -31.36
N ILE B 380 16.97 3.79 -31.60
CA ILE B 380 15.61 3.50 -31.17
C ILE B 380 15.61 3.23 -29.67
N GLY B 381 14.78 3.97 -28.94
CA GLY B 381 14.64 3.78 -27.52
C GLY B 381 13.26 4.18 -27.05
N PHE B 382 13.12 4.55 -25.79
CA PHE B 382 11.83 4.96 -25.26
C PHE B 382 11.98 6.27 -24.51
N HIS B 383 10.94 7.10 -24.56
CA HIS B 383 10.89 8.35 -23.82
C HIS B 383 9.51 8.52 -23.23
N LEU B 384 9.42 9.16 -22.06
CA LEU B 384 8.16 9.25 -21.35
C LEU B 384 7.40 10.52 -21.73
N TYR B 385 6.20 10.36 -22.27
CA TYR B 385 5.27 11.45 -22.53
C TYR B 385 4.08 11.27 -21.59
N ASP B 386 3.92 12.21 -20.66
CA ASP B 386 2.86 12.20 -19.65
C ASP B 386 2.56 10.80 -19.13
N ASN B 387 3.61 10.17 -18.58
CA ASN B 387 3.53 8.86 -17.92
C ASN B 387 3.19 7.75 -18.91
N ILE B 388 3.62 7.89 -20.16
CA ILE B 388 3.50 6.82 -21.16
C ILE B 388 4.84 6.66 -21.84
N ALA B 389 5.42 5.47 -21.75
CA ALA B 389 6.74 5.22 -22.32
C ALA B 389 6.60 4.94 -23.80
N LYS B 390 6.70 5.98 -24.62
CA LYS B 390 6.49 5.89 -26.05
C LYS B 390 7.81 5.58 -26.74
N LEU B 391 7.77 4.70 -27.73
CA LEU B 391 8.96 4.35 -28.49
C LEU B 391 9.34 5.49 -29.42
N VAL B 392 10.60 5.92 -29.35
CA VAL B 392 11.08 7.06 -30.12
C VAL B 392 12.41 6.69 -30.78
N ALA B 393 12.84 7.55 -31.70
CA ALA B 393 14.17 7.50 -32.27
C ALA B 393 14.81 8.87 -32.06
N SER B 394 15.92 8.91 -31.34
CA SER B 394 16.52 10.16 -30.91
C SER B 394 18.03 10.16 -31.13
N ASN B 395 18.59 11.35 -31.28
CA ASN B 395 20.03 11.53 -31.39
C ASN B 395 20.70 11.71 -30.04
N TRP B 396 19.93 11.80 -28.97
CA TRP B 396 20.50 11.95 -27.63
C TRP B 396 21.37 10.74 -27.28
N TYR B 397 20.94 9.55 -27.67
CA TYR B 397 21.73 8.34 -27.45
C TYR B 397 23.06 8.42 -28.19
N ASN B 398 23.05 8.93 -29.42
CA ASN B 398 24.29 9.13 -30.15
C ASN B 398 25.19 10.14 -29.44
N ARG B 399 24.61 11.19 -28.86
CA ARG B 399 25.40 12.16 -28.11
C ARG B 399 26.07 11.50 -26.90
N GLN B 400 25.33 10.68 -26.17
CA GLN B 400 25.91 9.98 -25.02
C GLN B 400 27.01 9.02 -25.46
N VAL B 401 26.80 8.32 -26.59
CA VAL B 401 27.82 7.41 -27.09
C VAL B 401 29.08 8.17 -27.44
N GLY B 402 28.93 9.33 -28.09
CA GLY B 402 30.09 10.15 -28.41
C GLY B 402 30.82 10.65 -27.18
N LYS B 403 30.08 10.92 -26.11
CA LYS B 403 30.66 11.38 -24.85
C LYS B 403 31.08 10.24 -23.93
N ALA B 404 30.94 8.99 -24.38
CA ALA B 404 31.28 7.81 -23.59
C ALA B 404 30.49 7.77 -22.28
N SER B 405 29.21 8.15 -22.36
CA SER B 405 28.32 8.13 -21.22
C SER B 405 27.49 6.85 -21.24
N ARG B 406 26.53 6.76 -20.31
CA ARG B 406 25.65 5.60 -20.19
C ARG B 406 24.30 5.95 -20.81
N THR B 407 24.00 5.34 -21.96
CA THR B 407 22.71 5.54 -22.60
C THR B 407 21.62 4.84 -21.81
N PHE B 408 20.39 5.33 -21.96
CA PHE B 408 19.25 4.83 -21.20
C PHE B 408 18.11 4.47 -22.16
N GLY B 409 17.97 3.19 -22.47
CA GLY B 409 16.83 2.69 -23.20
C GLY B 409 17.10 2.28 -24.64
N CYS B 410 18.34 2.36 -25.11
CA CYS B 410 18.64 2.09 -26.51
C CYS B 410 19.10 0.66 -26.77
N SER B 411 19.11 -0.21 -25.76
CA SER B 411 19.55 -1.58 -25.89
C SER B 411 18.35 -2.52 -25.84
N TRP B 412 18.29 -3.47 -26.77
CA TRP B 412 17.13 -4.33 -26.93
C TRP B 412 17.56 -5.79 -26.99
N GLU B 413 16.60 -6.67 -26.70
CA GLU B 413 16.76 -8.12 -26.76
C GLU B 413 15.62 -8.72 -27.55
N PHE B 414 15.95 -9.67 -28.42
CA PHE B 414 14.99 -10.37 -29.26
C PHE B 414 14.79 -11.77 -28.70
N ILE B 415 13.55 -12.10 -28.34
CA ILE B 415 13.21 -13.35 -27.67
C ILE B 415 12.31 -14.16 -28.62
N PRO B 416 12.84 -15.15 -29.32
CA PRO B 416 11.98 -16.08 -30.05
C PRO B 416 11.46 -17.17 -29.13
N VAL B 417 10.47 -17.91 -29.64
CA VAL B 417 9.91 -19.02 -28.88
C VAL B 417 10.91 -20.17 -28.86
N ASP B 418 11.24 -20.65 -27.66
CA ASP B 418 12.21 -21.72 -27.48
C ASP B 418 11.58 -22.87 -26.70
N ASP B 419 12.04 -24.08 -26.99
CA ASP B 419 11.57 -25.25 -26.28
C ASP B 419 12.14 -25.37 -24.87
N GLY B 420 13.32 -24.80 -24.63
CA GLY B 420 13.91 -24.85 -23.30
C GLY B 420 13.30 -23.91 -22.29
N TRP B 421 12.46 -22.99 -22.72
CA TRP B 421 11.73 -22.10 -21.81
C TRP B 421 10.37 -22.65 -21.43
N GLY B 422 9.62 -23.18 -22.38
CA GLY B 422 8.40 -23.90 -22.08
C GLY B 422 7.22 -23.07 -21.68
N GLU B 423 7.27 -21.75 -21.87
CA GLU B 423 6.13 -20.91 -21.53
C GLU B 423 5.00 -21.11 -22.54
N SER B 424 3.77 -21.15 -22.04
CA SER B 424 2.61 -21.30 -22.90
C SER B 424 2.24 -19.96 -23.50
N SER B 425 2.07 -19.94 -24.83
CA SER B 425 1.73 -18.72 -25.54
C SER B 425 0.31 -18.78 -26.09
C1 NAG C . 5.81 -27.71 -17.99
C2 NAG C . 5.81 -29.23 -17.87
C3 NAG C . 7.07 -29.82 -18.51
C4 NAG C . 7.24 -29.31 -19.94
C5 NAG C . 7.18 -27.77 -19.96
C6 NAG C . 7.20 -27.20 -21.35
C7 NAG C . 5.12 -30.79 -16.10
C8 NAG C . 5.12 -31.06 -14.62
N2 NAG C . 5.71 -29.64 -16.49
O3 NAG C . 6.99 -31.23 -18.51
O4 NAG C . 8.50 -29.75 -20.44
O5 NAG C . 5.96 -27.33 -19.35
O6 NAG C . 6.07 -27.60 -22.10
O7 NAG C . 4.64 -31.57 -16.92
C1 NAG C . 8.35 -30.38 -21.74
C2 NAG C . 9.55 -31.30 -21.98
C3 NAG C . 9.42 -32.00 -23.33
C4 NAG C . 8.07 -32.71 -23.43
C5 NAG C . 6.93 -31.74 -23.11
C6 NAG C . 5.57 -32.40 -23.08
C7 NAG C . 11.68 -30.68 -20.92
C8 NAG C . 12.91 -29.83 -21.02
N2 NAG C . 10.80 -30.55 -21.92
O3 NAG C . 10.47 -32.94 -23.49
O4 NAG C . 7.89 -33.23 -24.74
O5 NAG C . 7.14 -31.15 -21.82
O6 NAG C . 4.53 -31.45 -23.24
O7 NAG C . 11.49 -31.44 -19.98
C1 FUC C . 5.42 -26.40 -22.58
C2 FUC C . 4.69 -26.74 -23.90
C3 FUC C . 3.48 -27.64 -23.65
C4 FUC C . 2.55 -27.00 -22.61
C5 FUC C . 3.35 -26.71 -21.33
C6 FUC C . 2.54 -25.96 -20.29
O2 FUC C . 5.57 -27.33 -24.86
O3 FUC C . 2.72 -27.79 -24.86
O4 FUC C . 2.01 -25.80 -23.12
O5 FUC C . 4.50 -25.91 -21.61
C1 NAG D . -22.44 -17.37 -18.79
C2 NAG D . -22.55 -17.74 -20.27
C3 NAG D . -23.89 -17.25 -20.84
C4 NAG D . -25.04 -17.75 -19.99
C5 NAG D . -24.83 -17.39 -18.54
C6 NAG D . -25.90 -17.94 -17.62
C7 NAG D . -20.90 -17.81 -22.09
C8 NAG D . -19.76 -17.09 -22.74
N2 NAG D . -21.44 -17.20 -21.03
O3 NAG D . -24.01 -17.71 -22.18
O4 NAG D . -26.25 -17.17 -20.45
O5 NAG D . -23.57 -17.91 -18.07
O6 NAG D . -25.82 -17.37 -16.32
O7 NAG D . -21.31 -18.89 -22.48
C1 NAG E . -6.12 -31.92 1.31
C2 NAG E . -5.39 -32.65 0.17
C3 NAG E . -4.43 -33.67 0.73
C4 NAG E . -3.45 -32.98 1.68
C5 NAG E . -4.21 -32.43 2.87
C6 NAG E . -3.78 -31.03 3.27
C7 NAG E . -6.11 -33.42 -2.05
C8 NAG E . -7.20 -34.10 -2.83
N2 NAG E . -6.34 -33.27 -0.73
O3 NAG E . -3.72 -34.30 -0.33
O4 NAG E . -2.48 -33.91 2.13
O5 NAG E . -5.62 -32.39 2.63
O6 NAG E . -4.32 -30.66 4.53
O7 NAG E . -5.08 -33.03 -2.58
#